data_8ING
#
_entry.id   8ING
#
_cell.length_a   54.052
_cell.length_b   80.342
_cell.length_c   76.121
_cell.angle_alpha   90.000
_cell.angle_beta   102.820
_cell.angle_gamma   90.000
#
_symmetry.space_group_name_H-M   'P 1 21 1'
#
loop_
_entity.id
_entity.type
_entity.pdbx_description
1 polymer Lactoperoxidase
2 branched 2-acetamido-2-deoxy-beta-D-glucopyranose-(1-4)-2-acetamido-2-deoxy-beta-D-glucopyranose
3 non-polymer 2-acetamido-2-deoxy-beta-D-glucopyranose
4 non-polymer 'NITRIC OXIDE'
5 non-polymer 'NITRITE ION'
6 non-polymer 'NITRATE ION'
7 non-polymer 'THIOCYANATE ION'
8 non-polymer 1,2-ETHANEDIOL
9 non-polymer 'IODIDE ION'
10 non-polymer 'PROTOPORPHYRIN IX CONTAINING FE'
11 non-polymer 'CALCIUM ION'
12 non-polymer 1-(OXIDOSULFANYL)METHANAMINE
13 non-polymer 'SODIUM ION'
14 water water
#
_entity_poly.entity_id   1
_entity_poly.type   'polypeptide(L)'
_entity_poly.pdbx_seq_one_letter_code
;SWEVGCGAPVPLVKCDENSPYRTITGDCNNRRSPALGAANRALARWLPAEYEDGLAVPFGWTQRKTRNGFRVPLAREVSN
KIVGYLDEEGVLDQNRSLLFMQWGQIVDHDLDFAPETELGSSEHSKVQCEEYCIQGDNCFPIMFPKNDPKLKTQGKCMPF
FRAGFVCPTPPYQSLARDQINAVTSFLDASLVYGSEP(SEP)LASRLRNLSSPLGLMAVNQEAWDHGLAYPPFNNVKPSP
CEFINTTAHVPCFQAGDSRASEQILLATVHTLLLREHNRLARELKRLNPHWDGEMLYQEARKILGAFIQIITFRDYLPIV
LGSEMQKWIPPYQGYNNSVDPRISNVFTFAFRFGHMEVPSTVSRLDENYQPWGPEAELPLHTLFFNTWRIIKDGGIDPLV
RGLLAKKSKLMNQNKMVTSELRNKLFQPTHKIHGFDLAAINLQRCRDHGMPGYNSWRGFCGLSQPKTLKGLQAVLKNKIL
AKKLLDLYKTPDNIDIWIGGNAEPMVERGRVGPLLACLLGRQFQQIRDGDRFWWENPGVFTEKQRDSLQKVSFSRLICDN
THVTKVPLHAFQANNYPHDFVDCSAVDKLDLSPWASREN
;
_entity_poly.pdbx_strand_id   A
#
loop_
_chem_comp.id
_chem_comp.type
_chem_comp.name
_chem_comp.formula
CA non-polymer 'CALCIUM ION' 'Ca 2'
EDO non-polymer 1,2-ETHANEDIOL 'C2 H6 O2'
HEM non-polymer 'PROTOPORPHYRIN IX CONTAINING FE' 'C34 H32 Fe N4 O4'
IOD non-polymer 'IODIDE ION' 'I -1'
NA non-polymer 'SODIUM ION' 'Na 1'
NAG D-saccharide, beta linking 2-acetamido-2-deoxy-beta-D-glucopyranose 'C8 H15 N O6'
NO non-polymer 'NITRIC OXIDE' 'N O'
NO2 non-polymer 'NITRITE ION' 'N O2 -1'
NO3 non-polymer 'NITRATE ION' 'N O3 -1'
OSM non-polymer 1-(OXIDOSULFANYL)METHANAMINE 'C H5 N O S'
SCN non-polymer 'THIOCYANATE ION' 'C N S -1'
#
# COMPACT_ATOMS: atom_id res chain seq x y z
N SER A 1 17.22 22.09 4.42
CA SER A 1 17.20 21.75 2.97
C SER A 1 18.27 22.55 2.23
N TRP A 2 18.51 22.23 0.95
CA TRP A 2 19.48 23.02 0.15
C TRP A 2 18.83 24.33 -0.26
N GLU A 3 17.65 24.28 -0.89
CA GLU A 3 16.91 25.52 -1.26
C GLU A 3 15.42 25.27 -0.97
N VAL A 4 14.87 26.00 0.01
CA VAL A 4 13.42 25.84 0.37
C VAL A 4 12.59 26.73 -0.56
N GLY A 5 11.29 26.50 -0.64
CA GLY A 5 10.40 27.32 -1.49
C GLY A 5 10.37 26.81 -2.93
N CYS A 6 10.92 25.62 -3.17
CA CYS A 6 10.92 25.03 -4.53
C CYS A 6 9.64 24.22 -4.74
N GLY A 7 8.68 24.35 -3.82
CA GLY A 7 7.40 23.63 -3.93
C GLY A 7 6.44 24.40 -4.82
N ALA A 8 6.29 23.98 -6.08
CA ALA A 8 5.42 24.70 -7.03
C ALA A 8 3.94 24.65 -6.63
N PRO A 9 3.40 23.51 -6.12
CA PRO A 9 1.97 23.42 -5.81
C PRO A 9 1.65 23.84 -4.37
N VAL A 10 2.60 24.50 -3.70
CA VAL A 10 2.39 24.97 -2.30
C VAL A 10 1.22 25.96 -2.21
N PRO A 11 0.96 26.86 -3.19
CA PRO A 11 -0.09 27.87 -3.04
C PRO A 11 -1.49 27.45 -3.49
N LEU A 12 -2.44 28.40 -3.50
CA LEU A 12 -3.85 28.06 -3.85
C LEU A 12 -4.43 27.20 -2.73
N VAL A 13 -3.81 27.23 -1.55
CA VAL A 13 -4.25 26.37 -0.42
C VAL A 13 -4.94 27.26 0.62
N LYS A 14 -6.27 27.33 0.58
CA LYS A 14 -7.00 28.11 1.61
C LYS A 14 -7.36 27.20 2.78
N CYS A 15 -7.08 27.62 4.00
CA CYS A 15 -7.32 26.91 5.27
C CYS A 15 -8.51 27.58 5.98
N ASP A 16 -9.68 26.93 5.97
CA ASP A 16 -10.79 27.24 6.90
C ASP A 16 -10.32 26.62 8.20
N GLU A 17 -9.98 27.47 9.17
CA GLU A 17 -9.25 27.10 10.42
C GLU A 17 -10.30 26.55 11.41
N ASN A 18 -11.59 26.78 11.16
CA ASN A 18 -12.71 26.26 11.98
C ASN A 18 -13.40 25.07 11.30
N SER A 19 -13.04 24.74 10.05
CA SER A 19 -13.67 23.60 9.34
C SER A 19 -13.52 22.37 10.23
N PRO A 20 -14.60 21.58 10.46
CA PRO A 20 -14.49 20.35 11.25
C PRO A 20 -13.96 19.16 10.42
N TYR A 21 -13.69 19.38 9.13
CA TYR A 21 -13.33 18.30 8.18
C TYR A 21 -11.94 18.51 7.57
N ARG A 22 -11.27 17.39 7.29
CA ARG A 22 -9.99 17.38 6.54
C ARG A 22 -10.23 17.91 5.13
N THR A 23 -9.23 18.56 4.55
CA THR A 23 -9.18 18.78 3.08
C THR A 23 -8.98 17.43 2.38
N ILE A 24 -9.29 17.37 1.09
CA ILE A 24 -9.02 16.22 0.20
C ILE A 24 -7.50 16.10 0.00
N THR A 25 -6.80 17.24 -0.13
CA THR A 25 -5.34 17.31 -0.43
C THR A 25 -4.49 16.99 0.81
N GLY A 26 -5.03 17.16 2.02
CA GLY A 26 -4.27 17.08 3.27
C GLY A 26 -3.62 18.40 3.65
N ASP A 27 -3.72 19.43 2.80
CA ASP A 27 -3.34 20.80 3.24
C ASP A 27 -4.22 21.16 4.45
N CYS A 28 -3.69 22.06 5.29
CA CYS A 28 -4.41 22.72 6.43
C CYS A 28 -4.55 21.78 7.62
N ASN A 29 -3.83 20.65 7.65
CA ASN A 29 -3.87 19.75 8.85
C ASN A 29 -2.99 20.39 9.93
N ASN A 30 -1.77 20.77 9.54
CA ASN A 30 -0.80 21.43 10.42
C ASN A 30 -0.99 22.93 10.24
N ARG A 31 -1.34 23.65 11.31
CA ARG A 31 -1.75 25.09 11.28
C ARG A 31 -0.53 25.95 10.96
N ARG A 32 0.60 25.70 11.61
CA ARG A 32 1.85 26.50 11.43
C ARG A 32 2.52 26.20 10.08
N SER A 33 2.47 24.95 9.61
CA SER A 33 3.04 24.56 8.29
C SER A 33 1.94 23.78 7.56
N PRO A 34 1.19 24.45 6.66
CA PRO A 34 -0.08 23.92 6.15
C PRO A 34 0.10 22.90 5.02
N ALA A 35 1.25 22.86 4.35
CA ALA A 35 1.52 21.85 3.30
C ALA A 35 1.95 20.49 3.90
N LEU A 36 2.23 20.40 5.20
CA LEU A 36 2.84 19.18 5.79
C LEU A 36 1.86 18.01 5.71
N GLY A 37 2.23 16.94 4.98
CA GLY A 37 1.41 15.71 4.85
C GLY A 37 0.44 15.78 3.69
N ALA A 38 0.34 16.94 3.04
CA ALA A 38 -0.45 17.11 1.81
C ALA A 38 0.16 16.32 0.65
N ALA A 39 -0.69 15.96 -0.29
CA ALA A 39 -0.35 15.15 -1.48
C ALA A 39 0.41 16.02 -2.47
N ASN A 40 1.13 15.35 -3.38
CA ASN A 40 1.82 15.96 -4.54
C ASN A 40 2.95 16.87 -4.03
N ARG A 41 3.58 16.46 -2.90
CA ARG A 41 4.83 17.05 -2.32
CA ARG A 41 4.82 17.07 -2.34
C ARG A 41 5.90 15.98 -2.19
N ALA A 42 7.13 16.40 -1.89
CA ALA A 42 8.29 15.49 -1.74
C ALA A 42 8.02 14.52 -0.59
N LEU A 43 8.32 13.24 -0.78
CA LEU A 43 8.51 12.31 0.37
C LEU A 43 9.55 12.94 1.30
N ALA A 44 9.38 12.82 2.61
CA ALA A 44 10.37 13.33 3.57
C ALA A 44 11.65 12.52 3.41
N ARG A 45 12.82 13.14 3.62
CA ARG A 45 14.13 12.45 3.71
C ARG A 45 14.51 12.35 5.18
N TRP A 46 14.49 11.16 5.78
CA TRP A 46 14.99 10.94 7.16
C TRP A 46 16.52 10.94 7.17
N LEU A 47 17.14 10.54 6.07
CA LEU A 47 18.60 10.60 5.85
C LEU A 47 18.85 11.20 4.47
N PRO A 48 20.00 11.88 4.25
CA PRO A 48 20.35 12.38 2.93
C PRO A 48 20.27 11.30 1.85
N ALA A 49 19.74 11.65 0.68
CA ALA A 49 19.67 10.72 -0.45
C ALA A 49 21.10 10.26 -0.79
N GLU A 50 21.24 9.10 -1.40
CA GLU A 50 22.55 8.57 -1.83
C GLU A 50 22.44 8.16 -3.29
N TYR A 51 23.14 8.87 -4.14
CA TYR A 51 23.08 8.74 -5.61
C TYR A 51 24.54 8.66 -6.08
N GLU A 52 24.86 7.99 -7.17
CA GLU A 52 26.30 7.87 -7.55
C GLU A 52 26.92 9.25 -7.85
N ASP A 53 26.13 10.32 -8.09
CA ASP A 53 26.63 11.70 -8.36
C ASP A 53 26.24 12.62 -7.19
N GLY A 54 25.67 12.11 -6.10
CA GLY A 54 25.23 12.92 -4.94
C GLY A 54 23.95 13.71 -5.19
N LEU A 55 23.33 13.58 -6.37
CA LEU A 55 22.14 14.43 -6.68
C LEU A 55 20.95 13.58 -7.14
N ALA A 56 21.03 12.93 -8.29
CA ALA A 56 19.84 12.20 -8.81
C ALA A 56 20.25 10.87 -9.47
N VAL A 57 21.49 10.78 -9.95
CA VAL A 57 21.91 9.54 -10.70
C VAL A 57 21.92 8.37 -9.70
N PRO A 58 21.18 7.28 -10.02
CA PRO A 58 21.04 6.12 -9.13
C PRO A 58 22.23 5.18 -9.11
N PHE A 59 22.45 4.55 -7.95
CA PHE A 59 23.56 3.56 -8.01
C PHE A 59 23.20 2.46 -9.01
N GLY A 60 24.21 1.82 -9.61
CA GLY A 60 23.95 0.80 -10.64
C GLY A 60 23.79 1.39 -12.04
N TRP A 61 23.70 2.72 -12.19
CA TRP A 61 23.51 3.36 -13.52
C TRP A 61 24.79 3.21 -14.37
N THR A 62 25.93 3.67 -13.82
CA THR A 62 27.22 3.74 -14.54
C THR A 62 28.00 2.46 -14.21
N GLN A 63 28.26 1.64 -15.22
CA GLN A 63 29.01 0.36 -15.08
C GLN A 63 30.34 0.57 -14.33
N ARG A 64 31.08 1.67 -14.59
CA ARG A 64 32.44 1.90 -14.01
C ARG A 64 32.39 2.73 -12.72
N LYS A 65 31.22 2.87 -12.08
CA LYS A 65 31.08 3.59 -10.79
C LYS A 65 30.69 2.60 -9.70
N THR A 66 31.52 2.48 -8.69
CA THR A 66 31.29 1.55 -7.58
C THR A 66 30.38 2.23 -6.53
N ARG A 67 29.79 1.41 -5.65
CA ARG A 67 29.29 1.87 -4.33
C ARG A 67 30.31 1.38 -3.30
N ASN A 68 31.03 2.29 -2.63
CA ASN A 68 32.05 1.91 -1.61
C ASN A 68 33.10 0.95 -2.18
N GLY A 69 33.41 1.08 -3.46
CA GLY A 69 34.50 0.31 -4.07
C GLY A 69 34.06 -1.03 -4.65
N PHE A 70 32.76 -1.34 -4.62
CA PHE A 70 32.20 -2.56 -5.28
C PHE A 70 31.11 -2.20 -6.27
N ARG A 71 30.99 -2.96 -7.33
CA ARG A 71 29.83 -2.86 -8.27
C ARG A 71 28.61 -3.32 -7.51
N VAL A 72 27.49 -2.62 -7.67
CA VAL A 72 26.19 -3.12 -7.14
C VAL A 72 25.70 -4.24 -8.04
N PRO A 73 25.15 -5.33 -7.47
CA PRO A 73 24.62 -6.43 -8.27
C PRO A 73 23.35 -6.02 -9.02
N LEU A 74 23.11 -6.62 -10.18
CA LEU A 74 21.83 -6.52 -10.93
C LEU A 74 20.69 -6.90 -9.98
N ALA A 75 19.62 -6.12 -10.01
CA ALA A 75 18.42 -6.34 -9.19
C ALA A 75 17.86 -7.75 -9.44
N ARG A 76 17.76 -8.15 -10.69
CA ARG A 76 17.19 -9.47 -11.10
C ARG A 76 18.06 -10.63 -10.62
N GLU A 77 19.37 -10.42 -10.53
CA GLU A 77 20.30 -11.49 -10.06
C GLU A 77 20.10 -11.70 -8.56
N VAL A 78 20.00 -10.61 -7.81
CA VAL A 78 19.60 -10.64 -6.35
C VAL A 78 18.27 -11.39 -6.22
N SER A 79 17.31 -11.00 -7.02
CA SER A 79 15.98 -11.65 -7.09
C SER A 79 16.14 -13.16 -7.30
N ASN A 80 16.91 -13.58 -8.29
CA ASN A 80 17.01 -15.01 -8.68
C ASN A 80 17.72 -15.78 -7.58
N LYS A 81 18.76 -15.22 -7.00
CA LYS A 81 19.67 -15.97 -6.10
C LYS A 81 19.08 -16.00 -4.71
N ILE A 82 18.49 -14.91 -4.24
CA ILE A 82 18.05 -14.76 -2.83
C ILE A 82 16.55 -14.84 -2.57
N VAL A 83 15.73 -14.39 -3.52
CA VAL A 83 14.30 -14.00 -3.26
C VAL A 83 13.43 -15.16 -3.75
N GLY A 84 13.89 -15.95 -4.71
CA GLY A 84 13.00 -16.90 -5.39
C GLY A 84 12.98 -18.25 -4.72
N TYR A 85 11.92 -19.01 -4.99
CA TYR A 85 11.77 -20.42 -4.55
C TYR A 85 10.69 -21.13 -5.37
N LEU A 86 10.73 -22.46 -5.38
CA LEU A 86 9.85 -23.31 -6.21
C LEU A 86 8.69 -23.88 -5.41
N ASP A 87 8.94 -24.33 -4.17
CA ASP A 87 7.97 -25.18 -3.43
C ASP A 87 7.06 -24.30 -2.58
N GLU A 88 5.77 -24.20 -2.93
CA GLU A 88 4.78 -23.41 -2.16
C GLU A 88 4.29 -24.23 -0.98
N GLU A 89 4.65 -25.50 -0.89
CA GLU A 89 4.20 -26.37 0.24
C GLU A 89 4.82 -25.81 1.52
N GLY A 90 4.03 -25.65 2.57
CA GLY A 90 4.51 -25.30 3.93
C GLY A 90 4.80 -23.81 4.09
N VAL A 91 4.41 -22.96 3.12
CA VAL A 91 4.86 -21.55 3.11
C VAL A 91 3.84 -20.65 3.84
N LEU A 92 2.67 -21.15 4.20
CA LEU A 92 1.58 -20.29 4.72
C LEU A 92 1.80 -19.98 6.21
N ASP A 93 1.22 -18.88 6.64
CA ASP A 93 1.31 -18.32 8.00
C ASP A 93 0.23 -19.00 8.83
N GLN A 94 0.62 -19.88 9.77
CA GLN A 94 -0.37 -20.63 10.59
C GLN A 94 -1.16 -19.64 11.47
N ASN A 95 -0.73 -18.38 11.68
CA ASN A 95 -1.53 -17.48 12.55
C ASN A 95 -1.90 -16.10 11.94
N ARG A 96 -1.89 -15.98 10.61
CA ARG A 96 -2.41 -14.76 9.92
C ARG A 96 -3.35 -15.17 8.79
N SER A 97 -4.56 -14.60 8.80
CA SER A 97 -5.50 -14.74 7.67
C SER A 97 -4.91 -14.00 6.47
N LEU A 98 -5.43 -14.28 5.28
CA LEU A 98 -5.08 -13.55 4.02
C LEU A 98 -5.43 -12.06 4.17
N LEU A 99 -6.45 -11.76 5.00
CA LEU A 99 -6.81 -10.36 5.32
C LEU A 99 -5.60 -9.61 5.86
N PHE A 100 -4.72 -10.24 6.66
CA PHE A 100 -3.49 -9.59 7.21
C PHE A 100 -2.65 -8.98 6.07
N MET A 101 -2.28 -9.78 5.08
CA MET A 101 -1.66 -9.28 3.82
C MET A 101 -2.52 -8.14 3.23
N GLN A 102 -3.81 -8.34 3.04
CA GLN A 102 -4.61 -7.41 2.19
C GLN A 102 -4.81 -6.07 2.92
N TRP A 103 -4.94 -6.06 4.24
CA TRP A 103 -5.09 -4.78 4.98
C TRP A 103 -3.80 -3.98 4.85
N GLY A 104 -2.66 -4.67 4.85
CA GLY A 104 -1.35 -4.04 4.67
C GLY A 104 -1.32 -3.22 3.39
N GLN A 105 -1.81 -3.80 2.28
CA GLN A 105 -1.76 -3.15 0.93
C GLN A 105 -2.72 -1.94 0.92
N ILE A 106 -3.87 -2.08 1.58
CA ILE A 106 -4.91 -1.00 1.73
C ILE A 106 -4.28 0.16 2.49
N VAL A 107 -3.66 -0.10 3.63
CA VAL A 107 -3.06 0.97 4.45
C VAL A 107 -1.97 1.67 3.62
N ASP A 108 -1.10 0.88 2.99
CA ASP A 108 -0.02 1.41 2.13
C ASP A 108 -0.62 2.42 1.14
N HIS A 109 -1.73 2.04 0.53
CA HIS A 109 -2.29 2.82 -0.61
C HIS A 109 -2.89 4.11 -0.06
N ASP A 110 -3.32 4.10 1.20
CA ASP A 110 -3.81 5.32 1.90
C ASP A 110 -2.64 6.30 2.08
N LEU A 111 -1.42 5.79 2.34
CA LEU A 111 -0.28 6.59 2.84
C LEU A 111 0.63 7.08 1.73
N ASP A 112 0.95 6.27 0.72
CA ASP A 112 2.02 6.69 -0.22
C ASP A 112 1.86 6.10 -1.62
N PHE A 113 2.15 6.95 -2.61
CA PHE A 113 2.26 6.62 -4.06
C PHE A 113 3.35 7.53 -4.64
N ALA A 114 4.32 6.95 -5.32
CA ALA A 114 5.38 7.66 -6.06
C ALA A 114 5.17 7.27 -7.51
N PRO A 115 4.31 8.00 -8.26
CA PRO A 115 4.02 7.69 -9.67
C PRO A 115 5.30 7.67 -10.52
N GLU A 116 5.35 6.79 -11.51
CA GLU A 116 6.46 6.74 -12.49
C GLU A 116 6.45 8.08 -13.18
N THR A 117 7.57 8.43 -13.79
CA THR A 117 7.75 9.70 -14.55
C THR A 117 6.54 9.79 -15.49
N GLU A 118 5.98 10.99 -15.67
CA GLU A 118 4.76 11.16 -16.51
C GLU A 118 5.15 11.13 -18.00
N LEU A 119 5.19 9.94 -18.60
CA LEU A 119 5.53 9.82 -20.05
C LEU A 119 4.49 8.93 -20.74
N GLY A 120 3.20 9.13 -20.43
CA GLY A 120 2.14 8.29 -21.02
C GLY A 120 2.04 8.46 -22.53
N SER A 121 2.19 9.71 -23.01
CA SER A 121 2.06 9.99 -24.47
C SER A 121 2.78 8.91 -25.29
N SER A 122 2.12 8.40 -26.34
CA SER A 122 2.77 7.41 -27.24
C SER A 122 4.09 7.96 -27.75
N GLU A 123 5.20 7.23 -27.58
CA GLU A 123 6.51 7.81 -27.96
C GLU A 123 7.54 6.72 -28.28
N HIS A 124 8.53 7.07 -29.08
CA HIS A 124 9.64 6.12 -29.34
C HIS A 124 10.36 5.84 -28.01
N SER A 125 10.18 6.71 -27.01
CA SER A 125 10.83 6.59 -25.67
C SER A 125 10.43 5.26 -25.01
N LYS A 126 9.14 4.88 -25.06
CA LYS A 126 8.66 3.57 -24.55
C LYS A 126 9.35 2.45 -25.34
N VAL A 127 9.40 2.60 -26.67
CA VAL A 127 10.04 1.62 -27.60
C VAL A 127 11.53 1.50 -27.25
N GLN A 128 12.24 2.62 -27.08
CA GLN A 128 13.70 2.59 -26.76
C GLN A 128 13.94 1.82 -25.45
N CYS A 129 12.97 1.90 -24.53
CA CYS A 129 13.06 1.26 -23.19
C CYS A 129 12.66 -0.22 -23.23
N GLU A 130 11.47 -0.51 -23.77
CA GLU A 130 10.87 -1.86 -23.73
C GLU A 130 11.53 -2.70 -24.83
N GLU A 131 11.62 -2.17 -26.05
CA GLU A 131 12.09 -2.96 -27.22
C GLU A 131 13.62 -3.12 -27.19
N TYR A 132 14.37 -2.04 -26.94
CA TYR A 132 15.84 -2.00 -27.18
C TYR A 132 16.62 -1.98 -25.85
N CYS A 133 15.96 -1.81 -24.70
CA CYS A 133 16.62 -1.98 -23.37
C CYS A 133 17.74 -0.94 -23.24
N ILE A 134 17.48 0.27 -23.75
CA ILE A 134 18.42 1.42 -23.81
C ILE A 134 18.26 2.26 -22.55
N GLN A 135 19.27 2.26 -21.69
CA GLN A 135 19.25 3.10 -20.46
C GLN A 135 19.53 4.58 -20.70
N GLY A 136 18.51 5.40 -20.54
CA GLY A 136 18.70 6.85 -20.70
C GLY A 136 17.56 7.68 -20.20
N ASP A 137 17.89 8.77 -19.53
CA ASP A 137 16.85 9.70 -19.04
C ASP A 137 15.99 8.73 -18.21
N ASN A 138 14.69 8.96 -18.16
CA ASN A 138 13.80 8.14 -17.30
C ASN A 138 13.87 6.61 -17.42
N CYS A 139 14.26 6.08 -18.58
CA CYS A 139 14.44 4.62 -18.77
C CYS A 139 15.65 4.06 -18.01
N PHE A 140 15.39 3.20 -17.03
CA PHE A 140 16.45 2.59 -16.20
C PHE A 140 16.12 1.11 -16.17
N PRO A 141 16.32 0.40 -17.30
CA PRO A 141 15.86 -0.98 -17.43
C PRO A 141 16.60 -1.97 -16.52
N ILE A 142 15.86 -3.01 -16.13
CA ILE A 142 16.30 -4.14 -15.27
C ILE A 142 16.85 -5.18 -16.24
N MET A 143 18.18 -5.24 -16.36
CA MET A 143 18.91 -6.12 -17.31
C MET A 143 18.95 -7.53 -16.71
N PHE A 144 18.81 -8.57 -17.54
CA PHE A 144 18.81 -9.98 -17.07
C PHE A 144 20.26 -10.41 -16.92
N PRO A 145 20.62 -11.14 -15.83
CA PRO A 145 21.97 -11.67 -15.70
C PRO A 145 22.15 -12.84 -16.66
N LYS A 146 23.37 -13.31 -16.84
CA LYS A 146 23.68 -14.51 -17.66
C LYS A 146 22.88 -15.66 -17.08
N ASN A 147 22.36 -16.53 -17.93
CA ASN A 147 21.72 -17.81 -17.50
C ASN A 147 20.34 -17.54 -16.88
N ASP A 148 19.80 -16.31 -17.01
CA ASP A 148 18.41 -16.01 -16.58
C ASP A 148 17.49 -16.64 -17.61
N PRO A 149 16.58 -17.54 -17.20
CA PRO A 149 15.61 -18.14 -18.10
C PRO A 149 14.88 -17.11 -18.96
N LYS A 150 14.61 -15.94 -18.39
CA LYS A 150 13.86 -14.90 -19.10
C LYS A 150 14.63 -14.38 -20.33
N LEU A 151 15.95 -14.54 -20.35
CA LEU A 151 16.81 -14.20 -21.51
C LEU A 151 16.29 -14.97 -22.72
N LYS A 152 15.90 -16.22 -22.51
CA LYS A 152 15.48 -17.16 -23.58
C LYS A 152 14.08 -16.80 -24.07
N THR A 153 13.21 -16.18 -23.26
CA THR A 153 11.78 -15.98 -23.61
C THR A 153 11.34 -14.51 -23.74
N GLN A 154 12.07 -13.54 -23.18
CA GLN A 154 11.55 -12.16 -22.97
C GLN A 154 12.52 -11.10 -23.49
N GLY A 155 13.66 -11.49 -24.02
CA GLY A 155 14.72 -10.53 -24.43
C GLY A 155 15.69 -10.25 -23.29
N LYS A 156 16.35 -9.08 -23.29
CA LYS A 156 17.54 -8.84 -22.43
C LYS A 156 17.14 -8.06 -21.17
N CYS A 157 15.90 -7.58 -21.04
CA CYS A 157 15.54 -6.70 -19.90
C CYS A 157 14.05 -6.70 -19.64
N MET A 158 13.70 -6.14 -18.47
CA MET A 158 12.35 -5.66 -18.18
C MET A 158 12.42 -4.14 -18.20
N PRO A 159 11.50 -3.48 -18.93
CA PRO A 159 11.46 -2.02 -18.87
C PRO A 159 11.19 -1.58 -17.42
N PHE A 160 11.71 -0.42 -17.06
CA PHE A 160 11.50 0.26 -15.74
C PHE A 160 11.71 1.75 -15.95
N PHE A 161 10.73 2.55 -15.53
CA PHE A 161 10.76 4.02 -15.67
C PHE A 161 10.97 4.62 -14.30
N ARG A 162 11.85 5.61 -14.21
CA ARG A 162 12.18 6.32 -12.95
C ARG A 162 10.94 7.01 -12.38
N ALA A 163 10.89 7.08 -11.06
CA ALA A 163 9.78 7.73 -10.30
C ALA A 163 9.81 9.23 -10.59
N GLY A 164 8.63 9.85 -10.55
CA GLY A 164 8.56 11.31 -10.70
C GLY A 164 9.20 12.04 -9.53
N PHE A 165 9.58 13.30 -9.75
CA PHE A 165 10.28 14.05 -8.68
C PHE A 165 9.79 15.49 -8.58
N VAL A 166 10.03 16.11 -7.43
CA VAL A 166 9.52 17.49 -7.17
C VAL A 166 10.43 18.54 -7.82
N CYS A 167 9.95 19.78 -7.84
CA CYS A 167 10.67 20.89 -8.50
C CYS A 167 10.54 20.64 -10.00
N PRO A 168 10.72 21.66 -10.84
CA PRO A 168 10.65 21.43 -12.26
C PRO A 168 11.59 20.30 -12.63
N THR A 169 11.20 19.47 -13.60
CA THR A 169 12.02 18.31 -14.04
C THR A 169 13.34 18.50 -14.83
N PRO A 170 13.38 18.99 -16.08
CA PRO A 170 14.67 19.27 -16.72
C PRO A 170 15.35 20.33 -15.85
N PRO A 171 14.63 21.36 -15.34
CA PRO A 171 15.25 22.34 -14.43
C PRO A 171 15.30 21.65 -13.06
N TYR A 172 16.04 20.71 -12.90
CA TYR A 172 16.11 19.97 -11.61
C TYR A 172 16.91 20.87 -10.66
N GLN A 173 16.68 20.73 -9.35
CA GLN A 173 17.39 21.61 -8.38
C GLN A 173 18.80 21.05 -8.13
N SER A 174 19.66 21.81 -7.44
CA SER A 174 21.02 21.39 -6.99
C SER A 174 20.98 20.72 -5.60
N LEU A 175 19.82 20.64 -4.95
CA LEU A 175 19.52 19.67 -3.85
C LEU A 175 19.35 18.29 -4.50
N ALA A 176 19.57 17.19 -3.77
CA ALA A 176 19.38 15.83 -4.31
C ALA A 176 17.90 15.65 -4.67
N ARG A 177 17.62 14.86 -5.71
CA ARG A 177 16.26 14.60 -6.22
C ARG A 177 15.38 13.98 -5.14
N ASP A 178 14.16 14.51 -4.99
CA ASP A 178 13.13 13.93 -4.09
C ASP A 178 11.94 13.45 -4.92
N GLN A 179 11.61 12.18 -4.77
CA GLN A 179 10.41 11.57 -5.38
C GLN A 179 9.15 12.13 -4.70
N ILE A 180 8.03 12.07 -5.39
CA ILE A 180 6.74 12.68 -4.94
C ILE A 180 5.93 11.63 -4.17
N ASN A 181 5.19 12.07 -3.15
CA ASN A 181 4.07 11.31 -2.57
C ASN A 181 2.77 11.90 -3.14
N ALA A 182 2.11 11.17 -4.04
CA ALA A 182 0.89 11.60 -4.79
C ALA A 182 -0.36 11.43 -3.95
N VAL A 183 -0.28 10.81 -2.76
CA VAL A 183 -1.49 10.73 -1.90
C VAL A 183 -1.18 11.44 -0.57
N THR A 184 -2.21 11.63 0.27
CA THR A 184 -2.09 12.29 1.56
C THR A 184 -1.38 11.35 2.54
N SER A 185 -0.40 11.89 3.27
CA SER A 185 0.40 11.17 4.31
C SER A 185 -0.51 10.73 5.46
N PHE A 186 -1.64 11.41 5.68
CA PHE A 186 -2.59 11.09 6.78
C PHE A 186 -3.31 9.77 6.45
N LEU A 187 -3.58 9.00 7.49
CA LEU A 187 -4.41 7.77 7.38
C LEU A 187 -5.89 8.18 7.37
N ASP A 188 -6.40 8.58 6.21
CA ASP A 188 -7.62 9.42 6.11
C ASP A 188 -8.65 8.92 5.08
N ALA A 189 -8.51 7.68 4.61
CA ALA A 189 -9.36 7.04 3.57
C ALA A 189 -9.18 7.74 2.24
N SER A 190 -7.99 8.33 1.99
CA SER A 190 -7.71 9.00 0.71
C SER A 190 -7.81 7.97 -0.43
N LEU A 191 -7.65 6.67 -0.15
CA LEU A 191 -7.79 5.62 -1.20
C LEU A 191 -9.26 5.46 -1.65
N VAL A 192 -10.22 5.90 -0.83
CA VAL A 192 -11.66 5.84 -1.16
C VAL A 192 -12.08 7.15 -1.82
N TYR A 193 -11.62 8.29 -1.28
CA TYR A 193 -12.17 9.62 -1.63
C TYR A 193 -11.27 10.32 -2.64
N GLY A 194 -10.00 9.91 -2.76
CA GLY A 194 -9.03 10.63 -3.62
C GLY A 194 -8.23 11.64 -2.83
N SER A 195 -7.13 12.11 -3.44
CA SER A 195 -6.17 13.07 -2.83
C SER A 195 -6.14 14.39 -3.62
N GLU A 196 -6.94 14.50 -4.68
CA GLU A 196 -7.04 15.72 -5.53
C GLU A 196 -8.52 16.10 -5.71
N PRO A 197 -8.84 17.42 -5.79
CA PRO A 197 -10.20 17.89 -6.03
C PRO A 197 -10.93 17.31 -7.25
N SEP A 198 -10.30 17.21 -8.42
CA SEP A 198 -10.98 16.68 -9.60
CB SEP A 198 -10.03 16.59 -10.82
OG SEP A 198 -10.79 16.13 -12.02
C SEP A 198 -11.55 15.30 -9.30
O SEP A 198 -12.70 14.98 -9.59
P SEP A 198 -10.96 14.51 -12.43
O1P SEP A 198 -12.35 14.03 -12.10
O2P SEP A 198 -9.95 13.98 -11.41
O3P SEP A 198 -10.64 14.30 -13.85
N LEU A 199 -10.67 14.42 -8.80
CA LEU A 199 -11.04 13.02 -8.68
C LEU A 199 -12.07 12.89 -7.58
N ALA A 200 -11.86 13.61 -6.47
CA ALA A 200 -12.79 13.60 -5.32
C ALA A 200 -14.21 13.92 -5.81
N SER A 201 -14.35 14.92 -6.67
CA SER A 201 -15.65 15.35 -7.25
C SER A 201 -16.16 14.29 -8.22
N ARG A 202 -15.34 13.79 -9.13
CA ARG A 202 -15.81 12.77 -10.10
C ARG A 202 -16.33 11.55 -9.34
N LEU A 203 -15.82 11.24 -8.13
CA LEU A 203 -16.16 9.97 -7.42
C LEU A 203 -17.50 10.10 -6.74
N ARG A 204 -17.94 11.35 -6.53
CA ARG A 204 -19.15 11.66 -5.74
C ARG A 204 -20.41 11.55 -6.61
N ASN A 205 -21.55 11.27 -5.96
CA ASN A 205 -22.90 11.36 -6.57
C ASN A 205 -23.37 12.75 -6.14
N LEU A 206 -23.30 13.71 -7.06
CA LEU A 206 -23.76 15.10 -6.86
C LEU A 206 -25.17 15.19 -7.48
N SER A 207 -25.63 14.17 -8.21
CA SER A 207 -26.95 14.14 -8.92
C SER A 207 -28.10 14.22 -7.92
N SER A 208 -27.84 13.86 -6.67
CA SER A 208 -28.82 13.89 -5.58
C SER A 208 -28.14 14.44 -4.34
N PRO A 209 -28.89 15.03 -3.37
CA PRO A 209 -28.28 15.68 -2.21
C PRO A 209 -28.15 14.70 -1.02
N LEU A 210 -27.60 13.51 -1.27
CA LEU A 210 -27.58 12.42 -0.25
C LEU A 210 -26.16 12.16 0.24
N GLY A 211 -25.17 12.88 -0.27
CA GLY A 211 -23.75 12.69 0.07
C GLY A 211 -23.30 11.28 -0.23
N LEU A 212 -23.73 10.73 -1.37
CA LEU A 212 -23.35 9.35 -1.80
C LEU A 212 -22.10 9.46 -2.65
N MET A 213 -21.31 8.39 -2.66
CA MET A 213 -20.28 8.13 -3.69
C MET A 213 -21.00 7.50 -4.87
N ALA A 214 -20.58 7.86 -6.09
CA ALA A 214 -21.00 7.26 -7.35
C ALA A 214 -20.80 5.75 -7.28
N VAL A 215 -21.77 4.98 -7.82
CA VAL A 215 -21.68 3.50 -7.94
C VAL A 215 -21.86 3.08 -9.39
N ASN A 216 -21.41 1.87 -9.69
CA ASN A 216 -21.53 1.24 -11.02
C ASN A 216 -23.02 1.21 -11.42
N GLN A 217 -23.33 1.62 -12.67
CA GLN A 217 -24.70 1.62 -13.26
C GLN A 217 -24.88 0.42 -14.18
N GLU A 218 -23.79 -0.24 -14.59
CA GLU A 218 -23.81 -1.39 -15.52
C GLU A 218 -23.83 -2.74 -14.77
N ALA A 219 -23.50 -2.78 -13.47
CA ALA A 219 -23.35 -4.06 -12.75
C ALA A 219 -23.64 -3.90 -11.27
N TRP A 220 -24.24 -4.93 -10.67
CA TRP A 220 -24.57 -5.03 -9.22
C TRP A 220 -24.19 -6.41 -8.70
N ASP A 221 -23.98 -6.52 -7.39
CA ASP A 221 -23.62 -7.76 -6.63
C ASP A 221 -24.80 -8.10 -5.70
N HIS A 222 -25.79 -8.87 -6.20
CA HIS A 222 -27.01 -9.24 -5.42
C HIS A 222 -27.59 -7.98 -4.76
N GLY A 223 -27.78 -6.93 -5.55
CA GLY A 223 -28.30 -5.63 -5.07
C GLY A 223 -27.26 -4.75 -4.37
N LEU A 224 -26.02 -5.20 -4.17
CA LEU A 224 -24.99 -4.35 -3.50
C LEU A 224 -24.10 -3.70 -4.57
N ALA A 225 -23.51 -2.54 -4.26
CA ALA A 225 -22.82 -1.67 -5.22
C ALA A 225 -21.46 -2.23 -5.60
N TYR A 226 -21.07 -1.96 -6.84
CA TYR A 226 -19.67 -1.97 -7.31
C TYR A 226 -19.23 -0.53 -7.50
N PRO A 227 -17.92 -0.23 -7.45
CA PRO A 227 -17.44 1.10 -7.82
C PRO A 227 -17.75 1.38 -9.29
N PRO A 228 -17.78 2.67 -9.75
CA PRO A 228 -17.84 2.95 -11.18
C PRO A 228 -16.66 2.32 -11.93
N PHE A 229 -16.82 2.15 -13.23
CA PHE A 229 -15.72 1.77 -14.15
C PHE A 229 -14.92 3.02 -14.46
N ASN A 230 -13.62 2.85 -14.67
CA ASN A 230 -12.72 3.80 -15.35
C ASN A 230 -12.94 3.66 -16.86
N ASN A 231 -13.52 4.67 -17.51
CA ASN A 231 -13.93 4.58 -18.95
C ASN A 231 -12.88 5.22 -19.87
N VAL A 232 -11.62 5.38 -19.43
CA VAL A 232 -10.48 5.83 -20.29
C VAL A 232 -9.71 4.62 -20.84
N LYS A 233 -9.28 4.67 -22.10
CA LYS A 233 -8.60 3.57 -22.85
C LYS A 233 -7.16 3.96 -23.16
N PRO A 234 -6.19 2.99 -23.20
CA PRO A 234 -6.47 1.58 -22.99
C PRO A 234 -6.62 1.26 -21.49
N SER A 235 -7.36 0.19 -21.17
CA SER A 235 -7.66 -0.31 -19.80
C SER A 235 -6.98 -1.66 -19.57
N PRO A 236 -6.11 -1.82 -18.55
CA PRO A 236 -5.38 -3.08 -18.38
C PRO A 236 -6.36 -4.20 -18.01
N CYS A 237 -7.49 -3.86 -17.38
CA CYS A 237 -8.50 -4.85 -16.90
C CYS A 237 -9.22 -5.45 -18.10
N GLU A 238 -9.40 -4.66 -19.17
CA GLU A 238 -9.93 -5.11 -20.48
C GLU A 238 -8.84 -5.92 -21.19
N PHE A 239 -7.62 -5.40 -21.18
CA PHE A 239 -6.49 -6.00 -21.91
C PHE A 239 -6.27 -7.47 -21.48
N ILE A 240 -6.54 -7.82 -20.21
CA ILE A 240 -6.22 -9.20 -19.70
C ILE A 240 -7.34 -10.17 -20.10
N ASN A 241 -8.50 -9.67 -20.52
CA ASN A 241 -9.52 -10.54 -21.15
C ASN A 241 -10.40 -9.70 -22.09
N THR A 242 -10.00 -9.57 -23.36
CA THR A 242 -10.75 -8.74 -24.35
C THR A 242 -12.09 -9.37 -24.74
N THR A 243 -12.48 -10.55 -24.23
CA THR A 243 -13.81 -11.12 -24.49
C THR A 243 -14.80 -10.58 -23.47
N ALA A 244 -14.40 -10.51 -22.20
CA ALA A 244 -15.23 -10.07 -21.05
C ALA A 244 -15.47 -8.55 -21.11
N HIS A 245 -14.48 -7.78 -21.57
CA HIS A 245 -14.56 -6.30 -21.70
C HIS A 245 -15.02 -5.65 -20.39
N VAL A 246 -14.49 -6.09 -19.25
CA VAL A 246 -14.84 -5.54 -17.92
C VAL A 246 -13.71 -4.61 -17.52
N PRO A 247 -13.92 -3.27 -17.50
CA PRO A 247 -12.83 -2.34 -17.24
C PRO A 247 -12.38 -2.43 -15.77
N CYS A 248 -11.33 -1.68 -15.45
CA CYS A 248 -10.91 -1.43 -14.04
C CYS A 248 -11.92 -0.58 -13.29
N PHE A 249 -11.89 -0.67 -11.96
CA PHE A 249 -12.71 0.18 -11.06
C PHE A 249 -12.06 1.55 -11.03
N GLN A 250 -12.88 2.55 -10.74
CA GLN A 250 -12.48 3.94 -10.44
C GLN A 250 -12.68 4.14 -8.95
N ALA A 251 -11.62 4.47 -8.24
CA ALA A 251 -11.64 4.69 -6.78
C ALA A 251 -10.78 5.91 -6.47
N GLY A 252 -10.66 6.26 -5.19
CA GLY A 252 -9.84 7.38 -4.69
C GLY A 252 -8.36 7.20 -4.99
N ASP A 253 -7.92 5.95 -5.20
CA ASP A 253 -6.51 5.62 -5.50
C ASP A 253 -6.46 4.86 -6.82
N SER A 254 -5.52 5.23 -7.68
CA SER A 254 -5.40 4.73 -9.08
C SER A 254 -5.04 3.24 -9.15
N ARG A 255 -4.67 2.60 -8.05
CA ARG A 255 -4.09 1.23 -8.10
C ARG A 255 -5.13 0.19 -7.68
N ALA A 256 -6.39 0.60 -7.50
CA ALA A 256 -7.46 -0.16 -6.80
C ALA A 256 -7.72 -1.53 -7.46
N SER A 257 -7.48 -1.70 -8.76
CA SER A 257 -7.75 -2.97 -9.48
C SER A 257 -6.49 -3.81 -9.67
N GLU A 258 -5.36 -3.45 -9.06
CA GLU A 258 -4.07 -4.16 -9.29
C GLU A 258 -4.23 -5.65 -9.02
N GLN A 259 -5.04 -6.06 -8.06
CA GLN A 259 -5.44 -7.48 -7.89
C GLN A 259 -6.80 -7.51 -7.21
N ILE A 260 -7.45 -8.64 -7.40
CA ILE A 260 -8.91 -8.85 -7.17
C ILE A 260 -9.25 -8.66 -5.68
N LEU A 261 -8.35 -8.99 -4.75
CA LEU A 261 -8.64 -8.83 -3.31
C LEU A 261 -8.47 -7.37 -2.89
N LEU A 262 -7.67 -6.56 -3.60
CA LEU A 262 -7.55 -5.09 -3.35
C LEU A 262 -8.87 -4.43 -3.79
N ALA A 263 -9.39 -4.84 -4.95
CA ALA A 263 -10.62 -4.31 -5.58
C ALA A 263 -11.79 -4.70 -4.68
N THR A 264 -11.69 -5.89 -4.11
CA THR A 264 -12.64 -6.42 -3.09
C THR A 264 -12.70 -5.49 -1.88
N VAL A 265 -11.56 -5.20 -1.25
CA VAL A 265 -11.62 -4.37 -0.03
C VAL A 265 -12.03 -2.94 -0.40
N HIS A 266 -11.62 -2.41 -1.55
CA HIS A 266 -12.10 -1.09 -2.00
C HIS A 266 -13.64 -1.11 -2.08
N THR A 267 -14.24 -2.20 -2.59
CA THR A 267 -15.71 -2.34 -2.79
C THR A 267 -16.40 -2.28 -1.42
N LEU A 268 -15.89 -3.03 -0.42
CA LEU A 268 -16.37 -2.96 0.99
C LEU A 268 -16.33 -1.54 1.55
N LEU A 269 -15.23 -0.81 1.32
CA LEU A 269 -15.06 0.54 1.87
C LEU A 269 -16.05 1.49 1.20
N LEU A 270 -16.20 1.40 -0.13
CA LEU A 270 -17.13 2.29 -0.87
C LEU A 270 -18.54 2.06 -0.35
N ARG A 271 -18.95 0.78 -0.28
CA ARG A 271 -20.27 0.35 0.25
C ARG A 271 -20.50 0.94 1.64
N GLU A 272 -19.47 0.96 2.50
CA GLU A 272 -19.61 1.45 3.89
C GLU A 272 -19.94 2.95 3.88
N HIS A 273 -19.34 3.73 2.99
CA HIS A 273 -19.62 5.18 2.90
C HIS A 273 -21.13 5.44 2.65
N ASN A 274 -21.67 4.83 1.59
CA ASN A 274 -23.08 4.94 1.13
C ASN A 274 -24.00 4.38 2.23
N ARG A 275 -23.61 3.30 2.90
CA ARG A 275 -24.35 2.78 4.09
C ARG A 275 -24.36 3.84 5.20
N LEU A 276 -23.20 4.43 5.48
CA LEU A 276 -23.08 5.51 6.50
C LEU A 276 -23.87 6.73 6.06
N ALA A 277 -23.78 7.14 4.79
CA ALA A 277 -24.47 8.33 4.24
C ALA A 277 -26.00 8.12 4.33
N ARG A 278 -26.52 6.94 3.97
CA ARG A 278 -27.95 6.60 4.13
C ARG A 278 -28.40 6.66 5.60
N GLU A 279 -27.65 6.05 6.51
CA GLU A 279 -28.02 5.96 7.95
C GLU A 279 -27.97 7.36 8.56
N LEU A 280 -26.96 8.16 8.21
CA LEU A 280 -26.84 9.58 8.65
C LEU A 280 -28.06 10.37 8.18
N LYS A 281 -28.54 10.16 6.94
CA LYS A 281 -29.70 10.90 6.39
C LYS A 281 -30.96 10.54 7.19
N ARG A 282 -31.15 9.27 7.52
CA ARG A 282 -32.30 8.79 8.34
C ARG A 282 -32.27 9.50 9.71
N LEU A 283 -31.12 9.53 10.38
CA LEU A 283 -30.95 10.12 11.73
C LEU A 283 -30.99 11.66 11.67
N ASN A 284 -30.81 12.26 10.49
CA ASN A 284 -30.64 13.72 10.32
C ASN A 284 -31.19 14.12 8.95
N PRO A 285 -32.54 14.07 8.76
CA PRO A 285 -33.15 14.32 7.45
C PRO A 285 -32.89 15.76 6.97
N HIS A 286 -32.57 16.65 7.92
CA HIS A 286 -32.18 18.07 7.67
C HIS A 286 -30.85 18.18 6.88
N TRP A 287 -29.83 17.36 7.18
CA TRP A 287 -28.43 17.54 6.65
C TRP A 287 -28.42 17.57 5.12
N ASP A 288 -27.63 18.46 4.52
CA ASP A 288 -27.43 18.56 3.04
C ASP A 288 -26.39 17.52 2.56
N GLY A 289 -26.21 17.39 1.25
CA GLY A 289 -25.33 16.41 0.59
C GLY A 289 -23.91 16.49 1.11
N GLU A 290 -23.32 17.69 1.01
CA GLU A 290 -21.97 18.06 1.50
C GLU A 290 -21.77 17.56 2.94
N MET A 291 -22.70 17.80 3.85
CA MET A 291 -22.50 17.39 5.27
C MET A 291 -22.62 15.87 5.41
N LEU A 292 -23.49 15.23 4.61
CA LEU A 292 -23.65 13.75 4.65
C LEU A 292 -22.39 13.07 4.09
N TYR A 293 -21.81 13.61 3.01
CA TYR A 293 -20.54 13.13 2.41
C TYR A 293 -19.39 13.28 3.43
N GLN A 294 -19.23 14.47 4.00
CA GLN A 294 -18.13 14.80 4.95
C GLN A 294 -18.26 13.94 6.21
N GLU A 295 -19.46 13.78 6.77
CA GLU A 295 -19.62 13.06 8.07
C GLU A 295 -19.39 11.55 7.88
N ALA A 296 -19.92 10.94 6.81
CA ALA A 296 -19.60 9.55 6.41
C ALA A 296 -18.08 9.40 6.20
N ARG A 297 -17.47 10.32 5.45
CA ARG A 297 -16.02 10.36 5.12
C ARG A 297 -15.21 10.32 6.42
N LYS A 298 -15.57 11.16 7.39
CA LYS A 298 -14.82 11.30 8.65
C LYS A 298 -14.99 10.01 9.46
N ILE A 299 -16.18 9.41 9.43
CA ILE A 299 -16.40 8.10 10.11
C ILE A 299 -15.50 7.03 9.47
N LEU A 300 -15.45 6.96 8.13
CA LEU A 300 -14.69 5.92 7.40
C LEU A 300 -13.18 6.10 7.67
N GLY A 301 -12.69 7.34 7.76
CA GLY A 301 -11.28 7.66 8.10
C GLY A 301 -10.93 7.13 9.48
N ALA A 302 -11.86 7.29 10.44
CA ALA A 302 -11.70 6.84 11.84
C ALA A 302 -11.71 5.33 11.88
N PHE A 303 -12.59 4.66 11.13
CA PHE A 303 -12.64 3.18 11.03
C PHE A 303 -11.26 2.67 10.58
N ILE A 304 -10.70 3.26 9.52
CA ILE A 304 -9.42 2.77 8.93
C ILE A 304 -8.30 2.94 9.98
N GLN A 305 -8.29 4.05 10.72
CA GLN A 305 -7.27 4.35 11.76
C GLN A 305 -7.38 3.30 12.85
N ILE A 306 -8.61 3.01 13.32
CA ILE A 306 -8.80 2.05 14.45
C ILE A 306 -8.40 0.63 14.05
N ILE A 307 -8.92 0.12 12.94
CA ILE A 307 -8.55 -1.26 12.48
C ILE A 307 -7.01 -1.28 12.39
N THR A 308 -6.42 -0.24 11.85
CA THR A 308 -4.95 -0.23 11.59
C THR A 308 -4.17 -0.20 12.91
N PHE A 309 -4.49 0.70 13.84
CA PHE A 309 -3.67 0.89 15.07
C PHE A 309 -4.03 -0.15 16.12
N ARG A 310 -5.29 -0.58 16.23
CA ARG A 310 -5.77 -1.53 17.29
C ARG A 310 -5.51 -2.99 16.86
N ASP A 311 -5.84 -3.37 15.62
CA ASP A 311 -5.79 -4.79 15.16
C ASP A 311 -4.54 -5.11 14.35
N TYR A 312 -4.09 -4.22 13.46
CA TYR A 312 -3.04 -4.54 12.46
C TYR A 312 -1.61 -4.28 12.94
N LEU A 313 -1.34 -3.08 13.46
CA LEU A 313 0.07 -2.73 13.83
C LEU A 313 0.56 -3.65 14.94
N PRO A 314 -0.24 -3.99 15.98
CA PRO A 314 0.28 -4.87 17.04
C PRO A 314 0.78 -6.24 16.56
N ILE A 315 0.19 -6.82 15.52
CA ILE A 315 0.61 -8.17 15.02
C ILE A 315 1.55 -8.01 13.80
N VAL A 316 1.95 -6.77 13.46
CA VAL A 316 3.15 -6.53 12.59
C VAL A 316 4.40 -6.34 13.46
N LEU A 317 4.32 -5.50 14.49
CA LEU A 317 5.50 -4.97 15.20
C LEU A 317 5.79 -5.85 16.44
N GLY A 318 4.84 -6.67 16.87
CA GLY A 318 4.97 -7.59 18.03
C GLY A 318 5.53 -6.86 19.24
N SER A 319 6.66 -7.34 19.77
CA SER A 319 7.31 -6.84 21.00
C SER A 319 7.68 -5.36 20.88
N GLU A 320 7.73 -4.82 19.67
CA GLU A 320 8.29 -3.48 19.40
C GLU A 320 7.16 -2.46 19.34
N MET A 321 5.91 -2.90 19.35
CA MET A 321 4.72 -2.00 19.23
C MET A 321 4.82 -0.95 20.34
N GLN A 322 5.12 -1.38 21.56
CA GLN A 322 5.08 -0.50 22.76
C GLN A 322 6.23 0.50 22.67
N LYS A 323 7.40 0.06 22.19
CA LYS A 323 8.61 0.91 22.16
C LYS A 323 8.43 2.06 21.15
N TRP A 324 7.70 1.86 20.04
CA TRP A 324 7.57 2.89 18.96
C TRP A 324 6.20 3.54 18.92
N ILE A 325 5.17 2.85 19.41
CA ILE A 325 3.77 3.34 19.34
C ILE A 325 3.14 3.15 20.71
N PRO A 326 3.61 3.91 21.72
CA PRO A 326 3.00 3.87 23.05
C PRO A 326 1.61 4.50 22.97
N PRO A 327 0.79 4.31 24.03
CA PRO A 327 -0.57 4.85 24.05
C PRO A 327 -0.62 6.33 23.67
N TYR A 328 -1.61 6.70 22.87
CA TYR A 328 -1.86 8.09 22.42
C TYR A 328 -1.90 9.04 23.63
N GLN A 329 -1.10 10.11 23.59
CA GLN A 329 -1.04 11.23 24.57
C GLN A 329 -1.45 12.54 23.86
N GLY A 330 -2.16 12.45 22.74
CA GLY A 330 -2.78 13.60 22.06
C GLY A 330 -1.96 14.13 20.90
N TYR A 331 -2.57 15.06 20.16
CA TYR A 331 -2.05 15.71 18.94
C TYR A 331 -0.84 16.55 19.30
N ASN A 332 0.26 16.36 18.58
CA ASN A 332 1.51 17.14 18.74
C ASN A 332 1.90 17.83 17.42
N ASN A 333 1.74 19.15 17.36
CA ASN A 333 1.88 19.95 16.12
C ASN A 333 3.35 20.17 15.75
N SER A 334 4.29 19.71 16.58
CA SER A 334 5.75 19.68 16.27
C SER A 334 6.12 18.43 15.47
N VAL A 335 5.27 17.40 15.43
CA VAL A 335 5.61 16.08 14.79
C VAL A 335 5.44 16.25 13.28
N ASP A 336 6.41 15.76 12.51
CA ASP A 336 6.34 15.71 11.02
C ASP A 336 5.40 14.56 10.63
N PRO A 337 4.23 14.85 10.04
CA PRO A 337 3.33 13.79 9.60
C PRO A 337 3.75 13.17 8.25
N ARG A 338 4.73 13.73 7.55
CA ARG A 338 5.00 13.29 6.15
C ARG A 338 5.46 11.82 6.16
N ILE A 339 5.04 11.06 5.16
CA ILE A 339 5.65 9.73 4.85
C ILE A 339 7.07 9.95 4.34
N SER A 340 8.00 9.16 4.87
CA SER A 340 9.41 9.14 4.46
C SER A 340 9.55 8.34 3.18
N ASN A 341 10.59 8.64 2.41
CA ASN A 341 10.95 7.86 1.21
C ASN A 341 11.26 6.42 1.66
N VAL A 342 12.04 6.21 2.73
CA VAL A 342 12.40 4.83 3.20
C VAL A 342 11.16 4.02 3.58
N PHE A 343 10.15 4.62 4.21
CA PHE A 343 8.90 3.91 4.60
C PHE A 343 8.28 3.25 3.37
N THR A 344 8.34 3.90 2.21
CA THR A 344 7.69 3.38 0.98
C THR A 344 8.37 2.05 0.60
N PHE A 345 9.58 1.81 1.08
CA PHE A 345 10.27 0.50 0.84
C PHE A 345 10.06 -0.44 2.03
N ALA A 346 10.11 0.07 3.25
CA ALA A 346 9.95 -0.77 4.47
C ALA A 346 8.57 -1.44 4.45
N PHE A 347 7.53 -0.74 3.97
CA PHE A 347 6.14 -1.25 3.97
C PHE A 347 5.96 -2.22 2.80
N ARG A 348 7.02 -2.47 2.02
CA ARG A 348 6.99 -3.46 0.93
C ARG A 348 7.34 -4.83 1.54
N PHE A 349 7.37 -4.93 2.88
CA PHE A 349 7.40 -6.27 3.53
C PHE A 349 6.17 -7.11 3.12
N GLY A 350 5.00 -6.53 2.76
CA GLY A 350 3.76 -7.28 2.44
C GLY A 350 3.98 -8.24 1.29
N HIS A 351 4.95 -7.91 0.41
CA HIS A 351 5.13 -8.66 -0.87
C HIS A 351 5.57 -10.10 -0.62
N MET A 352 6.27 -10.27 0.50
CA MET A 352 6.66 -11.62 1.00
C MET A 352 5.52 -12.31 1.76
N GLU A 353 4.41 -11.61 2.01
CA GLU A 353 3.23 -12.20 2.68
C GLU A 353 2.16 -12.59 1.66
N VAL A 354 2.41 -12.33 0.38
CA VAL A 354 1.42 -12.66 -0.68
C VAL A 354 1.61 -14.11 -1.07
N PRO A 355 0.56 -14.93 -0.93
CA PRO A 355 0.62 -16.34 -1.33
C PRO A 355 0.28 -16.54 -2.82
N SER A 356 0.46 -17.76 -3.30
CA SER A 356 0.50 -18.05 -4.76
C SER A 356 -0.92 -18.16 -5.36
N THR A 357 -1.96 -18.27 -4.54
CA THR A 357 -3.33 -18.53 -5.03
C THR A 357 -4.34 -17.69 -4.25
N VAL A 358 -5.50 -17.49 -4.87
CA VAL A 358 -6.71 -16.86 -4.27
C VAL A 358 -7.84 -17.86 -4.40
N SER A 359 -8.69 -17.99 -3.38
CA SER A 359 -9.85 -18.92 -3.41
C SER A 359 -11.19 -18.17 -3.34
N ARG A 360 -12.19 -18.72 -4.02
CA ARG A 360 -13.61 -18.34 -3.85
C ARG A 360 -14.24 -19.46 -3.02
N LEU A 361 -14.84 -19.13 -1.87
CA LEU A 361 -15.51 -20.11 -0.98
C LEU A 361 -17.01 -19.83 -0.92
N ASP A 362 -17.83 -20.89 -0.83
CA ASP A 362 -19.30 -20.78 -0.74
C ASP A 362 -19.68 -20.53 0.72
N GLU A 363 -21.00 -20.52 1.00
CA GLU A 363 -21.62 -20.24 2.33
C GLU A 363 -21.22 -21.30 3.37
N ASN A 364 -20.70 -22.45 2.96
CA ASN A 364 -20.15 -23.48 3.89
C ASN A 364 -18.63 -23.41 3.91
N TYR A 365 -18.05 -22.39 3.28
CA TYR A 365 -16.58 -22.13 3.28
C TYR A 365 -15.87 -23.31 2.61
N GLN A 366 -16.52 -23.89 1.58
CA GLN A 366 -16.01 -25.00 0.73
C GLN A 366 -15.76 -24.38 -0.64
N PRO A 367 -15.03 -25.06 -1.54
CA PRO A 367 -14.71 -24.46 -2.84
C PRO A 367 -15.98 -23.97 -3.56
N TRP A 368 -15.98 -22.71 -3.96
CA TRP A 368 -17.05 -22.11 -4.80
C TRP A 368 -16.74 -22.49 -6.25
N GLY A 369 -17.56 -23.40 -6.82
CA GLY A 369 -17.44 -23.87 -8.21
C GLY A 369 -16.26 -24.83 -8.40
N PRO A 370 -15.93 -25.16 -9.67
CA PRO A 370 -14.82 -26.07 -9.99
C PRO A 370 -13.48 -25.38 -10.32
N GLU A 371 -13.44 -24.04 -10.36
CA GLU A 371 -12.18 -23.25 -10.51
C GLU A 371 -11.98 -22.38 -9.26
N ALA A 372 -12.51 -22.82 -8.11
CA ALA A 372 -12.50 -22.06 -6.84
C ALA A 372 -11.13 -21.44 -6.44
N GLU A 373 -10.04 -22.11 -6.78
CA GLU A 373 -8.67 -21.69 -6.39
C GLU A 373 -8.05 -21.25 -7.71
N LEU A 374 -7.48 -20.05 -7.77
CA LEU A 374 -6.89 -19.49 -9.03
C LEU A 374 -5.49 -19.01 -8.73
N PRO A 375 -4.54 -19.17 -9.67
CA PRO A 375 -3.19 -18.66 -9.48
C PRO A 375 -3.31 -17.14 -9.42
N LEU A 376 -2.54 -16.51 -8.54
CA LEU A 376 -2.57 -15.04 -8.32
C LEU A 376 -2.29 -14.29 -9.65
N HIS A 377 -1.37 -14.77 -10.49
CA HIS A 377 -0.93 -14.05 -11.72
C HIS A 377 -2.11 -13.83 -12.65
N THR A 378 -3.13 -14.68 -12.61
CA THR A 378 -4.32 -14.55 -13.49
C THR A 378 -5.22 -13.45 -12.93
N LEU A 379 -4.93 -12.88 -11.75
CA LEU A 379 -5.87 -11.98 -11.06
C LEU A 379 -5.34 -10.55 -11.00
N PHE A 380 -4.17 -10.27 -11.57
CA PHE A 380 -3.72 -8.88 -11.75
C PHE A 380 -4.69 -8.19 -12.73
N PHE A 381 -5.13 -7.00 -12.37
CA PHE A 381 -6.00 -6.12 -13.18
C PHE A 381 -7.23 -6.91 -13.63
N ASN A 382 -7.77 -7.73 -12.73
CA ASN A 382 -8.88 -8.64 -13.03
C ASN A 382 -10.12 -8.18 -12.28
N THR A 383 -11.02 -7.49 -12.98
CA THR A 383 -12.39 -7.19 -12.48
C THR A 383 -13.41 -8.21 -13.02
N TRP A 384 -13.17 -8.88 -14.15
CA TRP A 384 -14.19 -9.77 -14.78
C TRP A 384 -14.53 -10.96 -13.86
N ARG A 385 -13.54 -11.56 -13.19
CA ARG A 385 -13.74 -12.65 -12.20
C ARG A 385 -14.56 -12.17 -10.99
N ILE A 386 -14.67 -10.86 -10.74
CA ILE A 386 -15.59 -10.37 -9.68
C ILE A 386 -17.00 -10.22 -10.29
N ILE A 387 -17.11 -9.55 -11.44
CA ILE A 387 -18.42 -9.08 -12.00
C ILE A 387 -19.20 -10.30 -12.50
N LYS A 388 -18.51 -11.28 -13.09
CA LYS A 388 -19.11 -12.38 -13.90
C LYS A 388 -18.95 -13.73 -13.17
N ASP A 389 -18.23 -13.80 -12.04
CA ASP A 389 -17.96 -15.09 -11.34
C ASP A 389 -18.19 -14.81 -9.85
N GLY A 390 -19.43 -14.50 -9.46
CA GLY A 390 -19.93 -14.64 -8.09
C GLY A 390 -19.85 -13.44 -7.17
N GLY A 391 -19.41 -12.28 -7.67
CA GLY A 391 -19.20 -11.05 -6.87
C GLY A 391 -18.17 -11.19 -5.75
N ILE A 392 -18.31 -10.35 -4.72
CA ILE A 392 -17.38 -10.11 -3.58
C ILE A 392 -17.46 -11.24 -2.56
N ASP A 393 -18.67 -11.75 -2.28
CA ASP A 393 -18.89 -12.67 -1.13
C ASP A 393 -17.90 -13.82 -1.14
N PRO A 394 -17.73 -14.60 -2.22
CA PRO A 394 -16.80 -15.73 -2.20
C PRO A 394 -15.36 -15.32 -1.92
N LEU A 395 -14.94 -14.13 -2.39
CA LEU A 395 -13.55 -13.63 -2.23
C LEU A 395 -13.38 -13.17 -0.79
N VAL A 396 -14.41 -12.54 -0.21
CA VAL A 396 -14.39 -12.13 1.23
C VAL A 396 -14.21 -13.37 2.10
N ARG A 397 -14.92 -14.46 1.82
CA ARG A 397 -14.80 -15.68 2.65
C ARG A 397 -13.37 -16.23 2.55
N GLY A 398 -12.80 -16.25 1.34
CA GLY A 398 -11.37 -16.58 1.12
C GLY A 398 -10.45 -15.71 1.97
N LEU A 399 -10.69 -14.39 2.01
CA LEU A 399 -9.87 -13.47 2.84
C LEU A 399 -9.91 -13.89 4.32
N LEU A 400 -11.03 -14.46 4.79
CA LEU A 400 -11.19 -14.82 6.23
C LEU A 400 -10.59 -16.20 6.53
N ALA A 401 -10.79 -17.17 5.64
CA ALA A 401 -10.57 -18.61 5.94
C ALA A 401 -9.26 -19.08 5.30
N LYS A 402 -8.64 -18.29 4.41
CA LYS A 402 -7.30 -18.62 3.86
C LYS A 402 -6.24 -17.83 4.62
N LYS A 403 -4.99 -18.23 4.46
CA LYS A 403 -3.88 -17.69 5.24
C LYS A 403 -3.04 -16.75 4.39
N SER A 404 -2.39 -15.78 5.02
CA SER A 404 -1.26 -15.04 4.39
C SER A 404 -0.12 -16.03 4.11
N LYS A 405 0.79 -15.67 3.20
CA LYS A 405 2.13 -16.33 3.15
C LYS A 405 2.92 -15.83 4.36
N LEU A 406 3.72 -16.71 4.98
CA LEU A 406 4.76 -16.33 5.96
C LEU A 406 6.07 -15.96 5.22
N MET A 407 6.67 -14.86 5.62
CA MET A 407 8.01 -14.53 5.11
C MET A 407 8.94 -15.64 5.61
N ASN A 408 9.89 -16.00 4.77
CA ASN A 408 10.80 -17.14 5.01
C ASN A 408 12.11 -16.76 4.34
N GLN A 409 13.22 -16.85 5.04
CA GLN A 409 14.56 -16.51 4.51
C GLN A 409 14.89 -17.38 3.30
N ASN A 410 14.29 -18.56 3.18
CA ASN A 410 14.51 -19.50 2.06
C ASN A 410 13.42 -19.27 1.00
N LYS A 411 12.25 -18.73 1.36
CA LYS A 411 11.10 -18.62 0.42
C LYS A 411 10.47 -17.24 0.49
N MET A 412 11.13 -16.24 -0.09
CA MET A 412 10.77 -14.84 0.20
C MET A 412 9.59 -14.29 -0.60
N VAL A 413 9.55 -14.50 -1.93
CA VAL A 413 8.52 -13.83 -2.78
C VAL A 413 8.07 -14.91 -3.78
N THR A 414 6.78 -15.24 -3.75
CA THR A 414 6.17 -16.21 -4.70
C THR A 414 6.48 -15.80 -6.15
N SER A 415 6.78 -16.80 -6.96
CA SER A 415 7.03 -16.65 -8.42
C SER A 415 5.82 -16.00 -9.12
N GLU A 416 4.62 -16.03 -8.53
CA GLU A 416 3.46 -15.29 -9.10
C GLU A 416 3.76 -13.79 -9.21
N LEU A 417 4.51 -13.21 -8.26
CA LEU A 417 4.96 -11.79 -8.27
C LEU A 417 6.38 -11.69 -8.82
N ARG A 418 7.22 -12.71 -8.63
CA ARG A 418 8.68 -12.61 -8.92
C ARG A 418 8.93 -12.89 -10.41
N ASN A 419 8.12 -13.74 -11.07
CA ASN A 419 8.27 -14.02 -12.52
C ASN A 419 7.06 -13.69 -13.38
N LYS A 420 5.89 -13.45 -12.80
CA LYS A 420 4.63 -13.45 -13.57
C LYS A 420 3.85 -12.16 -13.35
N LEU A 421 4.48 -11.11 -12.81
CA LEU A 421 3.76 -9.83 -12.57
C LEU A 421 3.36 -9.22 -13.92
N PHE A 422 2.14 -8.72 -14.00
CA PHE A 422 1.65 -7.90 -15.12
C PHE A 422 1.68 -6.43 -14.69
N GLN A 423 2.26 -5.61 -15.56
CA GLN A 423 2.28 -4.15 -15.40
C GLN A 423 1.46 -3.55 -16.54
N PRO A 424 0.49 -2.65 -16.25
CA PRO A 424 -0.21 -1.92 -17.31
C PRO A 424 0.75 -1.35 -18.37
N THR A 425 0.41 -1.47 -19.65
CA THR A 425 1.20 -0.93 -20.80
C THR A 425 2.33 -1.88 -21.16
N HIS A 426 2.52 -2.98 -20.43
CA HIS A 426 3.61 -3.95 -20.70
C HIS A 426 3.04 -5.24 -21.34
N LYS A 427 1.74 -5.50 -21.16
CA LYS A 427 0.97 -6.54 -21.88
C LYS A 427 1.60 -7.94 -21.76
N ILE A 428 2.34 -8.25 -20.70
CA ILE A 428 2.93 -9.60 -20.47
C ILE A 428 2.86 -9.93 -18.98
N HIS A 429 2.60 -11.20 -18.62
CA HIS A 429 2.73 -11.70 -17.22
C HIS A 429 4.15 -12.16 -16.95
N GLY A 430 5.12 -11.26 -17.11
CA GLY A 430 6.54 -11.61 -17.14
C GLY A 430 7.43 -10.75 -16.29
N PHE A 431 6.92 -9.96 -15.34
CA PHE A 431 7.70 -8.97 -14.56
C PHE A 431 8.06 -9.53 -13.19
N ASP A 432 9.02 -8.88 -12.52
CA ASP A 432 9.61 -9.33 -11.23
C ASP A 432 9.49 -8.19 -10.20
N LEU A 433 8.49 -8.27 -9.33
CA LEU A 433 8.24 -7.23 -8.30
C LEU A 433 9.47 -7.04 -7.39
N ALA A 434 10.19 -8.12 -7.08
CA ALA A 434 11.38 -8.07 -6.22
C ALA A 434 12.48 -7.27 -6.92
N ALA A 435 12.79 -7.61 -8.17
CA ALA A 435 13.79 -6.85 -8.97
C ALA A 435 13.33 -5.39 -9.10
N ILE A 436 12.06 -5.16 -9.37
CA ILE A 436 11.51 -3.78 -9.40
C ILE A 436 11.74 -3.08 -8.06
N ASN A 437 11.45 -3.75 -6.95
CA ASN A 437 11.66 -3.13 -5.61
C ASN A 437 13.11 -2.65 -5.48
N LEU A 438 14.07 -3.50 -5.86
CA LEU A 438 15.50 -3.23 -5.64
C LEU A 438 15.93 -2.09 -6.57
N GLN A 439 15.49 -2.12 -7.82
CA GLN A 439 15.80 -1.03 -8.81
C GLN A 439 15.22 0.29 -8.27
N ARG A 440 14.02 0.23 -7.68
CA ARG A 440 13.29 1.40 -7.14
C ARG A 440 14.01 1.96 -5.92
N CYS A 441 14.61 1.11 -5.07
CA CYS A 441 15.44 1.56 -3.94
C CYS A 441 16.52 2.47 -4.51
N ARG A 442 17.18 2.05 -5.58
CA ARG A 442 18.33 2.78 -6.15
C ARG A 442 17.84 4.06 -6.85
N ASP A 443 16.76 3.94 -7.62
CA ASP A 443 16.05 5.07 -8.26
C ASP A 443 15.79 6.19 -7.22
N HIS A 444 15.30 5.82 -6.02
CA HIS A 444 14.90 6.79 -4.97
C HIS A 444 16.09 7.23 -4.14
N GLY A 445 17.31 6.81 -4.46
CA GLY A 445 18.48 7.34 -3.74
C GLY A 445 18.57 6.77 -2.33
N MET A 446 18.20 5.51 -2.10
CA MET A 446 18.16 4.98 -0.71
C MET A 446 19.58 4.80 -0.16
N PRO A 447 19.84 5.26 1.08
CA PRO A 447 20.97 4.75 1.83
C PRO A 447 20.85 3.24 2.00
N GLY A 448 22.01 2.60 2.12
CA GLY A 448 22.12 1.15 2.29
C GLY A 448 21.77 0.66 3.67
N TYR A 449 21.78 -0.68 3.80
CA TYR A 449 21.35 -1.46 4.98
C TYR A 449 21.99 -0.95 6.27
N ASN A 450 23.30 -0.68 6.24
CA ASN A 450 24.03 -0.33 7.50
C ASN A 450 23.75 1.13 7.92
N SER A 451 23.49 2.04 6.97
CA SER A 451 23.02 3.42 7.24
C SER A 451 21.72 3.37 8.04
N TRP A 452 20.77 2.52 7.61
CA TRP A 452 19.47 2.38 8.30
C TRP A 452 19.64 1.63 9.65
N ARG A 453 20.50 0.62 9.74
CA ARG A 453 20.81 -0.05 11.03
C ARG A 453 21.28 1.01 12.03
N GLY A 454 22.23 1.86 11.62
CA GLY A 454 22.73 3.02 12.39
C GLY A 454 21.61 3.97 12.80
N PHE A 455 20.77 4.38 11.84
CA PHE A 455 19.58 5.23 12.09
C PHE A 455 18.74 4.67 13.25
N CYS A 456 18.65 3.37 13.34
CA CYS A 456 17.73 2.65 14.27
C CYS A 456 18.46 2.19 15.54
N GLY A 457 19.72 2.60 15.72
CA GLY A 457 20.51 2.30 16.93
C GLY A 457 20.94 0.84 16.96
N LEU A 458 21.06 0.19 15.78
CA LEU A 458 21.30 -1.27 15.67
C LEU A 458 22.72 -1.48 15.19
N SER A 459 23.31 -2.63 15.52
CA SER A 459 24.66 -3.01 15.06
C SER A 459 24.74 -2.93 13.53
N GLN A 460 25.93 -2.61 13.03
CA GLN A 460 26.26 -2.49 11.61
C GLN A 460 27.31 -3.54 11.27
N PRO A 461 26.87 -4.76 10.87
CA PRO A 461 27.80 -5.83 10.54
C PRO A 461 28.72 -5.44 9.37
N LYS A 462 30.01 -5.68 9.54
CA LYS A 462 31.02 -5.36 8.52
C LYS A 462 31.53 -6.64 7.87
N THR A 463 31.34 -7.81 8.49
CA THR A 463 31.97 -9.07 8.01
C THR A 463 30.89 -10.10 7.69
N LEU A 464 31.28 -11.11 6.89
CA LEU A 464 30.43 -12.31 6.70
C LEU A 464 29.96 -12.79 8.07
N LYS A 465 30.85 -12.93 9.04
CA LYS A 465 30.48 -13.54 10.34
C LYS A 465 29.49 -12.61 11.08
N GLY A 466 29.70 -11.29 11.04
CA GLY A 466 28.76 -10.34 11.66
C GLY A 466 27.36 -10.45 11.06
N LEU A 467 27.28 -10.57 9.74
CA LEU A 467 26.00 -10.57 9.01
C LEU A 467 25.28 -11.87 9.31
N GLN A 468 26.01 -12.98 9.40
CA GLN A 468 25.41 -14.29 9.79
C GLN A 468 24.69 -14.13 11.13
N ALA A 469 25.31 -13.46 12.09
CA ALA A 469 24.77 -13.34 13.46
C ALA A 469 23.49 -12.49 13.46
N VAL A 470 23.48 -11.36 12.75
CA VAL A 470 22.28 -10.48 12.66
C VAL A 470 21.16 -11.23 11.90
N LEU A 471 21.45 -11.88 10.78
CA LEU A 471 20.40 -12.66 10.04
C LEU A 471 20.11 -14.03 10.68
N LYS A 472 20.95 -14.49 11.61
CA LYS A 472 20.81 -15.84 12.24
C LYS A 472 20.76 -16.92 11.16
N ASN A 473 21.42 -16.65 10.06
CA ASN A 473 21.41 -17.55 8.89
C ASN A 473 22.77 -17.41 8.23
N LYS A 474 23.47 -18.54 8.07
CA LYS A 474 24.84 -18.61 7.51
C LYS A 474 24.74 -18.47 5.99
N ILE A 475 23.84 -19.24 5.37
CA ILE A 475 23.79 -19.40 3.89
C ILE A 475 23.24 -18.10 3.26
N LEU A 476 22.22 -17.51 3.84
CA LEU A 476 21.62 -16.25 3.30
C LEU A 476 22.66 -15.12 3.39
N ALA A 477 23.37 -14.97 4.51
CA ALA A 477 24.47 -13.98 4.66
C ALA A 477 25.56 -14.20 3.60
N LYS A 478 25.94 -15.46 3.35
CA LYS A 478 26.97 -15.77 2.31
C LYS A 478 26.45 -15.35 0.92
N LYS A 479 25.22 -15.69 0.57
CA LYS A 479 24.65 -15.37 -0.75
C LYS A 479 24.58 -13.84 -0.88
N LEU A 480 24.16 -13.12 0.17
CA LEU A 480 24.04 -11.65 0.10
C LEU A 480 25.45 -11.07 -0.12
N LEU A 481 26.44 -11.54 0.64
CA LEU A 481 27.82 -10.98 0.55
C LEU A 481 28.51 -11.39 -0.74
N ASP A 482 28.15 -12.52 -1.33
CA ASP A 482 28.68 -12.93 -2.66
C ASP A 482 28.23 -11.94 -3.73
N LEU A 483 27.01 -11.38 -3.62
CA LEU A 483 26.49 -10.40 -4.60
C LEU A 483 26.90 -8.97 -4.21
N TYR A 484 26.71 -8.61 -2.95
CA TYR A 484 27.02 -7.30 -2.38
C TYR A 484 28.26 -7.58 -1.55
N LYS A 485 29.35 -6.94 -1.81
CA LYS A 485 30.64 -7.45 -1.24
C LYS A 485 30.74 -6.99 0.21
N THR A 486 29.92 -6.01 0.60
CA THR A 486 29.89 -5.43 1.95
C THR A 486 28.42 -5.25 2.31
N PRO A 487 28.04 -5.47 3.59
CA PRO A 487 26.68 -5.19 4.05
C PRO A 487 26.27 -3.71 3.86
N ASP A 488 27.24 -2.78 3.75
CA ASP A 488 26.97 -1.35 3.51
C ASP A 488 26.23 -1.17 2.18
N ASN A 489 26.39 -2.10 1.24
CA ASN A 489 25.84 -1.97 -0.12
C ASN A 489 24.49 -2.67 -0.29
N ILE A 490 24.06 -3.45 0.70
CA ILE A 490 22.80 -4.25 0.63
C ILE A 490 21.61 -3.26 0.50
N ASP A 491 20.76 -3.40 -0.50
CA ASP A 491 19.61 -2.46 -0.70
C ASP A 491 18.67 -2.62 0.51
N ILE A 492 18.12 -1.52 1.01
CA ILE A 492 17.28 -1.54 2.25
C ILE A 492 16.13 -2.55 2.14
N TRP A 493 15.49 -2.71 0.99
CA TRP A 493 14.30 -3.60 0.83
C TRP A 493 14.70 -5.04 1.18
N ILE A 494 15.79 -5.54 0.61
CA ILE A 494 16.21 -6.95 0.80
C ILE A 494 16.89 -7.08 2.17
N GLY A 495 17.70 -6.11 2.59
CA GLY A 495 18.35 -6.12 3.92
C GLY A 495 17.33 -6.18 5.04
N GLY A 496 16.37 -5.23 5.01
CA GLY A 496 15.29 -5.16 6.00
C GLY A 496 14.51 -6.47 6.06
N ASN A 497 14.12 -7.02 4.92
CA ASN A 497 13.26 -8.21 4.92
C ASN A 497 14.04 -9.51 5.22
N ALA A 498 15.36 -9.50 5.17
CA ALA A 498 16.21 -10.71 5.39
C ALA A 498 16.28 -11.01 6.90
N GLU A 499 16.00 -10.03 7.76
CA GLU A 499 16.16 -10.13 9.23
C GLU A 499 15.05 -11.00 9.80
N PRO A 500 15.38 -11.91 10.73
CA PRO A 500 14.38 -12.74 11.39
C PRO A 500 13.37 -11.88 12.12
N MET A 501 12.11 -12.34 12.16
CA MET A 501 10.97 -11.57 12.74
C MET A 501 11.08 -11.46 14.27
N VAL A 502 10.70 -10.31 14.80
CA VAL A 502 10.61 -10.07 16.27
C VAL A 502 9.54 -11.01 16.83
N GLU A 503 9.63 -11.25 18.13
CA GLU A 503 8.62 -12.01 18.90
C GLU A 503 7.26 -11.35 18.65
N ARG A 504 6.28 -12.17 18.28
CA ARG A 504 4.84 -11.81 18.14
C ARG A 504 4.62 -10.84 16.98
N GLY A 505 5.59 -10.70 16.06
CA GLY A 505 5.54 -9.76 14.94
C GLY A 505 5.80 -10.47 13.62
N ARG A 506 5.87 -9.72 12.52
CA ARG A 506 6.02 -10.30 11.17
C ARG A 506 7.10 -9.55 10.41
N VAL A 507 7.85 -8.69 11.10
CA VAL A 507 9.05 -7.99 10.57
C VAL A 507 10.14 -8.08 11.62
N GLY A 508 11.36 -7.86 11.15
CA GLY A 508 12.58 -7.89 11.97
C GLY A 508 12.87 -6.54 12.62
N PRO A 509 13.89 -6.48 13.49
CA PRO A 509 14.17 -5.26 14.25
C PRO A 509 14.29 -3.97 13.41
N LEU A 510 15.04 -3.99 12.33
CA LEU A 510 15.22 -2.78 11.46
C LEU A 510 13.86 -2.30 10.94
N LEU A 511 13.07 -3.15 10.30
CA LEU A 511 11.73 -2.74 9.77
C LEU A 511 10.82 -2.31 10.92
N ALA A 512 10.89 -2.95 12.09
CA ALA A 512 9.99 -2.60 13.20
C ALA A 512 10.25 -1.13 13.59
N CYS A 513 11.52 -0.74 13.59
CA CYS A 513 11.99 0.64 13.89
C CYS A 513 11.55 1.62 12.78
N LEU A 514 11.78 1.32 11.51
CA LEU A 514 11.39 2.23 10.39
C LEU A 514 9.86 2.36 10.35
N LEU A 515 9.12 1.25 10.45
CA LEU A 515 7.64 1.27 10.37
C LEU A 515 7.09 1.93 11.63
N GLY A 516 7.55 1.48 12.79
CA GLY A 516 7.11 2.00 14.10
C GLY A 516 7.22 3.50 14.19
N ARG A 517 8.36 4.08 13.77
CA ARG A 517 8.53 5.56 13.82
C ARG A 517 7.50 6.18 12.86
N GLN A 518 7.32 5.62 11.68
CA GLN A 518 6.46 6.29 10.68
C GLN A 518 5.03 6.30 11.20
N PHE A 519 4.55 5.19 11.75
CA PHE A 519 3.16 5.09 12.21
C PHE A 519 2.95 5.98 13.46
N GLN A 520 3.96 6.07 14.31
CA GLN A 520 3.92 6.97 15.50
C GLN A 520 3.66 8.41 15.00
N GLN A 521 4.33 8.80 13.92
CA GLN A 521 4.29 10.18 13.39
C GLN A 521 2.95 10.45 12.72
N ILE A 522 2.42 9.50 11.96
CA ILE A 522 1.12 9.72 11.28
CA ILE A 522 1.09 9.52 11.28
C ILE A 522 0.02 9.82 12.33
N ARG A 523 0.16 9.17 13.48
CA ARG A 523 -0.85 9.31 14.54
C ARG A 523 -0.63 10.65 15.25
N ASP A 524 0.59 10.91 15.75
CA ASP A 524 0.88 12.05 16.68
C ASP A 524 0.80 13.39 15.94
N GLY A 525 1.03 13.38 14.62
CA GLY A 525 1.16 14.60 13.81
C GLY A 525 -0.08 14.90 13.02
N ASP A 526 -1.19 14.21 13.33
CA ASP A 526 -2.51 14.33 12.65
C ASP A 526 -3.51 15.11 13.54
N ARG A 527 -3.88 16.33 13.13
CA ARG A 527 -4.87 17.18 13.84
C ARG A 527 -6.26 16.52 13.84
N PHE A 528 -6.54 15.63 12.88
CA PHE A 528 -7.88 14.99 12.73
C PHE A 528 -7.82 13.53 13.18
N TRP A 529 -6.75 13.11 13.85
CA TRP A 529 -6.71 11.77 14.48
C TRP A 529 -8.00 11.58 15.30
N TRP A 530 -8.60 10.39 15.22
CA TRP A 530 -9.98 10.16 15.71
C TRP A 530 -10.03 10.43 17.22
N GLU A 531 -9.00 10.04 17.98
CA GLU A 531 -9.03 10.09 19.46
C GLU A 531 -8.56 11.46 19.96
N ASN A 532 -8.26 12.41 19.08
CA ASN A 532 -7.86 13.77 19.48
C ASN A 532 -9.10 14.51 20.00
N PRO A 533 -9.09 15.01 21.25
CA PRO A 533 -10.27 15.71 21.79
C PRO A 533 -10.80 16.72 20.76
N GLY A 534 -12.13 16.76 20.60
CA GLY A 534 -12.79 17.76 19.74
C GLY A 534 -13.11 17.19 18.38
N VAL A 535 -12.33 16.23 17.87
CA VAL A 535 -12.57 15.66 16.52
C VAL A 535 -13.90 14.93 16.56
N PHE A 536 -14.04 13.98 17.48
CA PHE A 536 -15.32 13.29 17.77
C PHE A 536 -15.73 13.61 19.22
N THR A 537 -17.04 13.59 19.49
CA THR A 537 -17.60 13.63 20.88
C THR A 537 -17.17 12.34 21.61
N GLU A 538 -17.16 12.34 22.96
CA GLU A 538 -16.90 11.14 23.78
C GLU A 538 -17.83 10.00 23.35
N LYS A 539 -19.11 10.32 23.11
CA LYS A 539 -20.15 9.28 22.82
C LYS A 539 -19.86 8.71 21.43
N GLN A 540 -19.46 9.55 20.48
CA GLN A 540 -19.04 9.12 19.12
C GLN A 540 -17.89 8.10 19.25
N ARG A 541 -16.99 8.31 20.22
CA ARG A 541 -15.75 7.50 20.41
C ARG A 541 -16.06 6.15 21.06
N ASP A 542 -17.00 6.12 22.01
CA ASP A 542 -17.43 4.84 22.66
C ASP A 542 -18.06 3.96 21.59
N SER A 543 -18.77 4.56 20.62
CA SER A 543 -19.31 3.87 19.41
C SER A 543 -18.17 3.38 18.49
N LEU A 544 -17.26 4.26 18.09
CA LEU A 544 -16.18 3.98 17.11
C LEU A 544 -15.28 2.87 17.65
N GLN A 545 -15.09 2.82 18.97
CA GLN A 545 -14.27 1.80 19.68
C GLN A 545 -14.71 0.38 19.31
N LYS A 546 -15.95 0.15 18.90
CA LYS A 546 -16.45 -1.24 18.71
C LYS A 546 -16.43 -1.60 17.20
N VAL A 547 -15.84 -0.79 16.33
CA VAL A 547 -15.73 -1.14 14.88
C VAL A 547 -14.93 -2.43 14.79
N SER A 548 -15.09 -3.17 13.70
CA SER A 548 -14.22 -4.33 13.38
C SER A 548 -14.30 -4.63 11.89
N PHE A 549 -13.31 -5.32 11.33
CA PHE A 549 -13.39 -5.76 9.91
C PHE A 549 -14.60 -6.72 9.76
N SER A 550 -14.83 -7.59 10.73
CA SER A 550 -15.95 -8.59 10.65
C SER A 550 -17.27 -7.84 10.49
N ARG A 551 -17.43 -6.75 11.23
CA ARG A 551 -18.65 -5.91 11.20
C ARG A 551 -18.76 -5.28 9.81
N LEU A 552 -17.65 -4.75 9.28
CA LEU A 552 -17.65 -4.11 7.94
C LEU A 552 -18.15 -5.16 6.95
N ILE A 553 -17.71 -6.42 7.10
CA ILE A 553 -18.16 -7.50 6.17
C ILE A 553 -19.67 -7.72 6.38
N CYS A 554 -20.09 -7.90 7.63
CA CYS A 554 -21.50 -8.24 7.97
C CYS A 554 -22.44 -7.21 7.34
N ASP A 555 -22.05 -5.93 7.37
CA ASP A 555 -22.92 -4.79 6.98
C ASP A 555 -22.92 -4.57 5.46
N ASN A 556 -21.98 -5.13 4.71
CA ASN A 556 -21.73 -4.68 3.32
C ASN A 556 -21.71 -5.84 2.32
N THR A 557 -22.05 -7.03 2.77
CA THR A 557 -22.04 -8.26 1.96
C THR A 557 -23.18 -9.16 2.45
N HIS A 558 -23.41 -10.30 1.80
CA HIS A 558 -24.35 -11.32 2.36
C HIS A 558 -23.64 -12.43 3.12
N VAL A 559 -22.33 -12.29 3.35
CA VAL A 559 -21.58 -13.09 4.35
C VAL A 559 -22.13 -12.91 5.76
N THR A 560 -22.62 -14.00 6.38
CA THR A 560 -23.35 -14.01 7.68
C THR A 560 -22.60 -14.83 8.73
N LYS A 561 -21.46 -15.42 8.36
CA LYS A 561 -20.59 -16.23 9.27
C LYS A 561 -19.20 -15.58 9.18
N VAL A 562 -18.73 -15.01 10.30
CA VAL A 562 -17.45 -14.23 10.41
C VAL A 562 -16.72 -14.63 11.68
N PRO A 563 -15.38 -14.46 11.74
CA PRO A 563 -14.64 -14.61 12.99
C PRO A 563 -14.69 -13.34 13.82
N LEU A 564 -14.46 -13.42 15.14
CA LEU A 564 -14.33 -12.24 16.03
C LEU A 564 -12.98 -11.52 15.82
N HIS A 565 -11.92 -12.26 15.46
CA HIS A 565 -10.52 -11.75 15.33
C HIS A 565 -10.16 -12.15 13.89
N ALA A 566 -10.37 -11.25 12.95
CA ALA A 566 -10.38 -11.51 11.49
C ALA A 566 -8.95 -11.56 10.95
N PHE A 567 -7.97 -11.05 11.69
CA PHE A 567 -6.55 -11.02 11.24
C PHE A 567 -5.84 -12.31 11.63
N GLN A 568 -6.37 -13.06 12.60
CA GLN A 568 -5.65 -14.29 13.00
C GLN A 568 -6.12 -15.37 12.03
N ALA A 569 -5.40 -16.48 11.93
CA ALA A 569 -5.82 -17.64 11.11
C ALA A 569 -7.10 -18.18 11.75
N ASN A 570 -8.20 -18.24 10.98
CA ASN A 570 -9.52 -18.71 11.47
C ASN A 570 -9.97 -19.87 10.58
N ASN A 571 -10.50 -20.96 11.17
CA ASN A 571 -11.03 -22.12 10.39
C ASN A 571 -12.55 -22.27 10.62
N TYR A 572 -13.27 -22.62 9.57
CA TYR A 572 -14.76 -22.75 9.57
C TYR A 572 -15.12 -24.20 9.90
N PRO A 573 -16.10 -24.48 10.78
CA PRO A 573 -16.92 -23.47 11.44
C PRO A 573 -16.46 -23.08 12.86
N HIS A 574 -15.43 -23.74 13.39
CA HIS A 574 -15.02 -23.63 14.82
C HIS A 574 -14.77 -22.17 15.25
N ASP A 575 -14.05 -21.37 14.45
CA ASP A 575 -13.63 -19.98 14.80
C ASP A 575 -14.65 -18.99 14.25
N PHE A 576 -15.75 -19.45 13.68
CA PHE A 576 -16.74 -18.55 13.04
C PHE A 576 -18.01 -18.49 13.93
N VAL A 577 -18.65 -17.32 13.96
CA VAL A 577 -19.90 -17.07 14.72
C VAL A 577 -20.84 -16.42 13.73
N ASP A 578 -22.11 -16.24 14.11
CA ASP A 578 -23.07 -15.44 13.31
C ASP A 578 -22.77 -13.96 13.48
N CYS A 579 -23.16 -13.17 12.47
CA CYS A 579 -22.99 -11.69 12.44
C CYS A 579 -23.67 -11.06 13.65
N SER A 580 -24.78 -11.65 14.12
CA SER A 580 -25.58 -11.14 15.27
C SER A 580 -24.71 -11.06 16.53
N ALA A 581 -23.69 -11.93 16.68
CA ALA A 581 -22.77 -11.96 17.84
C ALA A 581 -21.62 -10.92 17.71
N VAL A 582 -21.55 -10.14 16.63
CA VAL A 582 -20.44 -9.16 16.40
C VAL A 582 -20.95 -7.76 16.71
N ASP A 583 -20.18 -6.96 17.44
CA ASP A 583 -20.59 -5.60 17.89
C ASP A 583 -20.92 -4.74 16.67
N LYS A 584 -21.90 -3.85 16.80
CA LYS A 584 -22.34 -2.93 15.73
C LYS A 584 -21.79 -1.53 16.00
N LEU A 585 -21.61 -0.75 14.94
CA LEU A 585 -21.33 0.70 15.04
C LEU A 585 -22.68 1.31 15.40
N ASP A 586 -22.83 1.77 16.64
CA ASP A 586 -24.02 2.53 17.10
C ASP A 586 -23.84 3.94 16.52
N LEU A 587 -24.66 4.34 15.54
CA LEU A 587 -24.61 5.69 14.94
C LEU A 587 -25.59 6.63 15.68
N SER A 588 -26.11 6.21 16.84
CA SER A 588 -27.09 7.05 17.58
C SER A 588 -26.44 8.37 18.03
N PRO A 589 -25.13 8.42 18.35
CA PRO A 589 -24.50 9.68 18.76
C PRO A 589 -24.22 10.70 17.64
N TRP A 590 -24.58 10.44 16.38
CA TRP A 590 -24.48 11.42 15.26
C TRP A 590 -25.88 11.97 14.97
N ALA A 591 -26.86 11.58 15.80
CA ALA A 591 -28.22 12.18 15.82
C ALA A 591 -27.99 13.61 16.28
N SER A 592 -28.32 14.59 15.43
CA SER A 592 -28.12 16.03 15.70
C SER A 592 -29.51 16.64 15.81
N ARG A 593 -30.05 16.80 17.03
CA ARG A 593 -31.22 17.70 17.25
C ARG A 593 -30.52 19.08 17.27
N GLU A 594 -30.79 19.90 16.25
CA GLU A 594 -29.95 21.05 15.82
C GLU A 594 -30.76 22.35 15.95
N ASN A 595 -31.99 22.26 16.46
CA ASN A 595 -32.94 23.39 16.68
C ASN A 595 -32.45 24.23 17.86
C1 NAG B . -12.78 -14.11 -20.45
C2 NAG B . -12.31 -15.54 -20.15
C3 NAG B . -13.41 -16.57 -20.38
C4 NAG B . -14.72 -16.10 -19.75
C5 NAG B . -15.00 -14.67 -20.26
C6 NAG B . -16.29 -13.97 -19.90
C7 NAG B . -9.89 -15.87 -20.47
C8 NAG B . -8.84 -16.32 -21.42
N2 NAG B . -11.15 -15.92 -20.94
O3 NAG B . -12.94 -17.79 -19.81
O4 NAG B . -15.77 -17.03 -20.03
O5 NAG B . -13.96 -13.91 -19.70
O6 NAG B . -16.58 -14.28 -18.54
O7 NAG B . -9.60 -15.50 -19.34
C1 NAG B . -16.96 -17.35 -19.28
C2 NAG B . -18.20 -17.93 -19.94
C3 NAG B . -18.81 -18.83 -18.88
C4 NAG B . -17.91 -20.03 -18.72
C5 NAG B . -16.41 -19.72 -18.93
C6 NAG B . -15.93 -20.15 -20.34
C7 NAG B . -18.78 -16.40 -21.75
C8 NAG B . -19.42 -15.09 -22.18
N2 NAG B . -19.00 -16.82 -20.49
O3 NAG B . -20.11 -19.31 -19.21
O4 NAG B . -18.08 -20.56 -17.39
O5 NAG B . -16.12 -18.33 -18.66
O6 NAG B . -14.51 -20.33 -20.37
O7 NAG B . -18.05 -17.01 -22.53
C1 NAG C . -2.29 -15.96 17.09
C2 NAG C . -1.79 -16.42 18.46
C3 NAG C . -2.49 -15.63 19.57
C4 NAG C . -2.42 -14.10 19.32
C5 NAG C . -2.95 -13.79 17.89
C6 NAG C . -2.94 -12.32 17.43
C7 NAG C . -1.05 -18.80 18.35
C8 NAG C . -1.55 -20.22 18.43
N2 NAG C . -1.99 -17.86 18.57
O3 NAG C . -1.89 -15.98 20.82
O4 NAG C . -3.13 -13.40 20.36
O5 NAG C . -2.20 -14.56 16.92
O6 NAG C . -3.66 -12.20 16.16
O7 NAG C . 0.13 -18.55 18.10
C1 NAG D . -27.02 8.79 -7.57
C2 NAG D . -26.90 7.54 -8.40
C3 NAG D . -28.24 7.16 -9.06
C4 NAG D . -29.35 7.13 -8.02
C5 NAG D . -29.35 8.48 -7.33
C6 NAG D . -30.50 8.62 -6.33
C7 NAG D . -24.67 7.17 -9.42
C8 NAG D . -23.90 7.33 -10.70
N2 NAG D . -25.89 7.74 -9.41
O3 NAG D . -28.12 5.90 -9.77
O4 NAG D . -30.65 6.75 -8.58
O5 NAG D . -28.10 8.68 -6.65
O6 NAG D . -30.22 7.84 -5.16
O7 NAG D . -24.21 6.52 -8.48
C1 NAG E . 6.05 17.00 20.60
C2 NAG E . 6.50 16.51 21.96
C3 NAG E . 7.98 16.81 22.19
C4 NAG E . 8.82 16.32 21.01
C5 NAG E . 8.34 17.03 19.75
C6 NAG E . 9.18 16.78 18.48
C7 NAG E . 4.43 16.62 23.33
C8 NAG E . 3.77 17.24 24.53
N2 NAG E . 5.65 17.06 23.01
O3 NAG E . 8.40 16.17 23.39
O4 NAG E . 10.23 16.55 21.20
O5 NAG E . 6.99 16.59 19.59
O6 NAG E . 10.44 16.16 18.73
O7 NAG E . 3.88 15.72 22.70
N NO F . 1.37 -2.88 -3.53
O NO F . 0.66 -2.08 -4.18
N NO2 G . 0.36 -1.52 -6.98
O1 NO2 G . -0.41 -1.72 -6.09
O2 NO2 G . 0.38 -0.89 -8.02
N NO3 H . 1.95 -14.46 16.61
O1 NO3 H . 1.39 -15.41 16.14
O2 NO3 H . 1.35 -13.60 17.19
O3 NO3 H . 3.16 -14.37 16.50
N NO3 I . 31.57 -6.91 12.27
O1 NO3 I . 31.43 -7.63 11.30
O2 NO3 I . 30.76 -6.93 13.20
O3 NO3 I . 32.56 -6.17 12.32
S SCN J . 30.47 5.49 -2.83
C SCN J . 30.61 5.96 -4.33
N SCN J . 30.85 6.29 -5.43
S SCN K . -10.41 -23.44 -2.58
C SCN K . -10.42 -24.15 -1.16
N SCN K . -10.72 -24.77 -0.17
C1 EDO L . -6.68 1.33 -13.62
O1 EDO L . -5.64 0.37 -13.57
C2 EDO L . -6.66 2.13 -14.87
O2 EDO L . -7.75 1.94 -15.73
S SCN M . 12.45 -17.87 -14.34
C SCN M . 11.32 -17.69 -15.47
N SCN M . 10.45 -17.42 -16.25
N NO3 N . -21.71 -16.77 5.15
O1 NO3 N . -21.81 -16.89 3.93
O2 NO3 N . -22.28 -15.85 5.70
O3 NO3 N . -21.07 -17.58 5.83
N NO3 O . -6.67 19.04 -9.25
O1 NO3 O . -6.65 18.26 -10.20
O2 NO3 O . -7.65 19.13 -8.52
O3 NO3 O . -5.73 19.74 -9.06
N NO3 P . 21.43 -15.17 -11.75
O1 NO3 P . 20.63 -15.35 -12.68
O2 NO3 P . 22.14 -14.20 -11.76
O3 NO3 P . 21.57 -15.96 -10.85
N NO3 Q . -20.56 3.05 -14.25
O1 NO3 Q . -19.67 2.97 -15.12
O2 NO3 Q . -20.77 4.08 -13.65
O3 NO3 Q . -21.25 2.09 -14.02
N NO3 R . 34.14 5.26 -8.17
O1 NO3 R . 33.99 4.08 -8.29
O2 NO3 R . 33.32 6.02 -8.56
O3 NO3 R . 35.17 5.68 -7.73
I IOD S . 0.07 -1.49 -6.89
I IOD T . -2.98 -1.89 -20.85
I IOD U . 18.68 -19.48 3.04
I IOD V . 14.49 8.63 3.59
I IOD W . -20.15 2.67 -14.76
I IOD X . -7.02 18.77 -9.37
I IOD Y . 21.05 -15.70 -11.90
I IOD Z . -21.67 -17.24 4.83
I IOD AA . 31.15 -7.55 12.53
CHA HEM BA . 4.54 -1.02 -4.58
CHB HEM BA . 2.23 -4.83 -6.50
CHC HEM BA . 0.90 -6.27 -2.05
CHD HEM BA . 3.03 -2.37 -0.24
C1A HEM BA . 4.07 -1.94 -5.46
C2A HEM BA . 4.31 -1.85 -6.87
C3A HEM BA . 3.66 -2.91 -7.40
C4A HEM BA . 3.05 -3.67 -6.34
CMA HEM BA . 3.60 -3.30 -8.85
CAA HEM BA . 5.13 -0.79 -7.60
CBA HEM BA . 6.57 -1.19 -7.72
CGA HEM BA . 7.48 -0.08 -8.25
O1A HEM BA . 7.41 0.27 -9.46
O2A HEM BA . 8.34 0.44 -7.49
C1B HEM BA . 1.61 -5.51 -5.43
C2B HEM BA . 0.76 -6.64 -5.60
C3B HEM BA . 0.32 -7.05 -4.36
C4B HEM BA . 1.03 -6.16 -3.41
CMB HEM BA . 0.33 -7.26 -6.92
CAB HEM BA . -0.54 -8.17 -3.95
CBB HEM BA . -0.95 -9.19 -4.69
C1C HEM BA . 1.39 -5.34 -1.14
C2C HEM BA . 1.25 -5.45 0.25
C3C HEM BA . 1.81 -4.32 0.78
C4C HEM BA . 2.35 -3.57 -0.32
CMC HEM BA . 0.51 -6.60 0.94
CAC HEM BA . 1.94 -3.96 2.21
CBC HEM BA . 1.60 -4.75 3.25
C1D HEM BA . 3.61 -1.66 -1.31
C2D HEM BA . 4.18 -0.33 -1.15
C3D HEM BA . 4.60 0.07 -2.33
C4D HEM BA . 4.25 -1.07 -3.23
CMD HEM BA . 4.28 0.49 0.05
CAD HEM BA . 5.21 1.40 -2.64
CBD HEM BA . 4.00 2.37 -2.88
CGD HEM BA . 4.50 3.79 -3.16
O1D HEM BA . 4.65 4.67 -2.24
O2D HEM BA . 4.71 4.09 -4.36
NA HEM BA . 3.30 -3.03 -5.16
NB HEM BA . 1.81 -5.27 -4.10
NC HEM BA . 2.12 -4.25 -1.44
ND HEM BA . 3.67 -2.06 -2.59
FE HEM BA . 2.97 -3.72 -3.27
C1 EDO CA . -18.94 -5.16 -18.21
O1 EDO CA . -19.33 -3.81 -18.17
C2 EDO CA . -19.71 -5.98 -17.30
O2 EDO CA . -20.58 -5.25 -16.50
CA CA DA . -3.97 9.21 3.02
C1 EDO EA . -13.57 13.95 26.68
O1 EDO EA . -12.66 14.45 25.71
C2 EDO EA . -14.95 14.18 26.25
O2 EDO EA . -15.92 13.75 27.19
N NO FA . -2.16 1.24 -11.66
O NO FA . -1.64 0.24 -11.10
S SCN GA . -7.85 -9.49 14.60
C SCN GA . -6.65 -10.32 15.27
N SCN GA . -5.64 -10.77 15.83
O OSM HA . -24.28 -0.94 -2.62
S OSM HA . -24.39 -1.30 -1.17
C OSM HA . -23.85 0.17 -0.27
N OSM HA . -23.79 -0.01 1.19
I IOD IA . -6.62 3.26 17.92
I IOD JA . -2.36 -15.29 -17.45
I IOD KA . -0.99 -15.80 -18.06
I IOD LA . -3.72 -14.29 -17.36
NA NA MA . 0.13 -1.00 -9.88
NA NA NA . -9.68 12.35 -12.88
#